data_7WSO
#
_entry.id   7WSO
#
_cell.length_a   1.00
_cell.length_b   1.00
_cell.length_c   1.00
_cell.angle_alpha   90.00
_cell.angle_beta   90.00
_cell.angle_gamma   90.00
#
_symmetry.space_group_name_H-M   'P 1'
#
loop_
_entity.id
_entity.type
_entity.pdbx_description
1 polymer 'Immunoglobulin heavy constant gamma 1'
2 polymer 'B-cell antigen receptor complex-associated protein alpha chain'
3 polymer 'B-cell antigen receptor complex-associated protein beta chain'
#
loop_
_entity_poly.entity_id
_entity_poly.type
_entity_poly.pdbx_seq_one_letter_code
_entity_poly.pdbx_strand_id
1 'polypeptide(L)'
;GPSVFLFPPKPKDTLMISRTPEVTCVVVDVSHEDPEVKFNWYVDGVEVHNAKTKPREEQYNSTYRVVSVLTVLHQDWLNG
KEYKCKVSNKALPAPIEKTISKAKGQPREPQVYTLPPSRDELTKNQVSLTCLVKGFYPSDIAVEWESNGQPENNYKTTPP
VLDSDGSFFLYSKLTVDKSRWQQGNVFSCSVMHEALHNHYTQKSLSLSPELQLEESCAEAQDGELDGLWTTITIFITLFL
LSVCYSATVTFF
;
K,B
2 'polypeptide(L)'
;LWMHKVPASLMVSLGEDAHFQCPHNSSNNANVTWWRVLHGNYTWPPEFLGPGEDPNGTLIIQNVNKSHGGIYVCRVQEGN
ESYQQSCGTYLRVRQPPPRPFLDMGEGTKNRIITAEGIILLFCAVVPGTLLLFRKRW
;
A
3 'polypeptide(L)'
;SRIWQSPRFIARKRGFTVKMHCYMNSASGNVSWLWKQEMDENPQQLKLEKGRMEESQNESLATLTIQGIRFEDNGIYFCQ
QKCNNTSEVYQGCGTELRVMGFSTLAQLKQRNTLKDGIIMIQTLLIILFIIVPIFLLLD
;
C
#
# COMPACT_ATOMS: atom_id res chain seq x y z
N GLY A 1 11.83 -53.05 -25.50
CA GLY A 1 11.71 -52.55 -24.14
C GLY A 1 10.60 -51.52 -23.96
N PRO A 2 9.40 -51.99 -23.67
CA PRO A 2 8.29 -51.07 -23.42
C PRO A 2 8.49 -50.27 -22.13
N SER A 3 7.81 -49.14 -22.04
CA SER A 3 7.91 -48.26 -20.89
C SER A 3 6.54 -48.08 -20.26
N VAL A 4 6.49 -48.15 -18.94
CA VAL A 4 5.25 -48.13 -18.18
C VAL A 4 5.23 -46.87 -17.32
N PHE A 5 4.12 -46.15 -17.36
CA PHE A 5 3.90 -44.97 -16.53
C PHE A 5 2.50 -45.00 -15.98
N LEU A 6 2.27 -44.22 -14.93
CA LEU A 6 0.98 -44.19 -14.24
C LEU A 6 0.71 -42.76 -13.79
N PHE A 7 -0.54 -42.32 -13.94
CA PHE A 7 -0.88 -40.91 -13.80
C PHE A 7 -2.14 -40.70 -12.95
N PRO A 8 -2.09 -39.77 -12.00
CA PRO A 8 -3.21 -39.54 -11.08
C PRO A 8 -4.26 -38.64 -11.71
N PRO A 9 -5.44 -38.49 -11.09
CA PRO A 9 -6.46 -37.63 -11.68
C PRO A 9 -6.14 -36.15 -11.61
N LYS A 10 -6.96 -35.40 -12.31
CA LYS A 10 -6.89 -33.94 -12.35
C LYS A 10 -7.54 -33.35 -11.10
N PRO A 11 -6.96 -32.30 -10.52
CA PRO A 11 -7.41 -31.84 -9.19
C PRO A 11 -8.75 -31.13 -9.18
N LYS A 12 -9.41 -30.97 -10.32
CA LYS A 12 -10.75 -30.43 -10.33
C LYS A 12 -11.80 -31.53 -10.44
N ASP A 13 -11.43 -32.69 -11.00
CA ASP A 13 -12.36 -33.81 -11.02
C ASP A 13 -12.58 -34.40 -9.65
N THR A 14 -11.56 -34.40 -8.81
CA THR A 14 -11.67 -35.05 -7.52
C THR A 14 -12.30 -34.19 -6.45
N LEU A 15 -12.90 -33.06 -6.80
CA LEU A 15 -13.42 -32.17 -5.78
C LEU A 15 -14.88 -31.82 -5.98
N MET A 16 -15.38 -31.76 -7.20
CA MET A 16 -16.80 -31.56 -7.42
C MET A 16 -17.48 -32.89 -7.68
N ILE A 17 -18.81 -32.88 -7.56
CA ILE A 17 -19.60 -34.10 -7.61
C ILE A 17 -20.34 -34.28 -8.92
N SER A 18 -20.09 -33.42 -9.91
CA SER A 18 -20.68 -33.58 -11.23
C SER A 18 -19.66 -33.95 -12.30
N ARG A 19 -18.41 -34.16 -11.93
CA ARG A 19 -17.37 -34.63 -12.84
C ARG A 19 -16.94 -36.03 -12.44
N THR A 20 -15.95 -36.57 -13.17
CA THR A 20 -15.55 -37.95 -12.95
C THR A 20 -14.03 -38.11 -12.95
N PRO A 21 -13.43 -38.49 -11.83
CA PRO A 21 -11.98 -38.76 -11.81
C PRO A 21 -11.66 -40.10 -12.43
N GLU A 22 -10.39 -40.25 -12.83
CA GLU A 22 -9.88 -41.50 -13.38
C GLU A 22 -8.36 -41.52 -13.32
N VAL A 23 -7.79 -42.68 -13.06
CA VAL A 23 -6.34 -42.85 -13.07
C VAL A 23 -5.97 -43.59 -14.35
N THR A 24 -4.72 -43.42 -14.79
CA THR A 24 -4.36 -43.82 -16.14
C THR A 24 -3.02 -44.53 -16.18
N CYS A 25 -3.00 -45.77 -16.68
CA CYS A 25 -1.76 -46.54 -16.85
C CYS A 25 -1.41 -46.57 -18.34
N VAL A 26 -0.19 -46.14 -18.67
CA VAL A 26 0.24 -45.97 -20.06
C VAL A 26 1.43 -46.88 -20.30
N VAL A 27 1.35 -47.68 -21.38
CA VAL A 27 2.46 -48.56 -21.78
C VAL A 27 2.82 -48.23 -23.21
N VAL A 28 4.03 -47.71 -23.42
CA VAL A 28 4.50 -47.32 -24.74
C VAL A 28 5.63 -48.25 -25.16
N ASP A 29 6.12 -48.06 -26.39
CA ASP A 29 7.31 -48.74 -26.95
C ASP A 29 7.08 -50.25 -27.10
N VAL A 30 5.91 -50.63 -27.60
CA VAL A 30 5.69 -52.00 -28.00
C VAL A 30 6.29 -52.21 -29.38
N SER A 31 7.13 -53.24 -29.51
CA SER A 31 7.77 -53.57 -30.78
C SER A 31 6.78 -54.23 -31.73
N HIS A 32 7.26 -54.57 -32.92
CA HIS A 32 6.42 -55.02 -34.02
C HIS A 32 6.26 -56.54 -34.07
N GLU A 33 6.33 -57.21 -32.93
CA GLU A 33 6.26 -58.67 -32.91
C GLU A 33 5.23 -59.18 -31.91
N ASP A 34 4.90 -58.39 -30.89
CA ASP A 34 4.05 -58.83 -29.79
C ASP A 34 2.86 -57.89 -29.66
N PRO A 35 1.73 -58.19 -30.30
CA PRO A 35 0.51 -57.39 -30.11
C PRO A 35 -0.29 -57.76 -28.88
N GLU A 36 0.20 -58.64 -28.01
CA GLU A 36 -0.56 -59.13 -26.86
C GLU A 36 -0.07 -58.41 -25.61
N VAL A 37 -0.88 -57.47 -25.12
CA VAL A 37 -0.61 -56.75 -23.89
C VAL A 37 -1.74 -57.04 -22.92
N LYS A 38 -1.39 -57.53 -21.73
CA LYS A 38 -2.37 -57.90 -20.72
C LYS A 38 -2.20 -57.01 -19.50
N PHE A 39 -3.27 -56.31 -19.13
CA PHE A 39 -3.28 -55.41 -17.99
C PHE A 39 -4.01 -56.07 -16.82
N ASN A 40 -3.62 -55.70 -15.61
CA ASN A 40 -4.26 -56.20 -14.40
C ASN A 40 -4.28 -55.07 -13.38
N TRP A 41 -5.48 -54.66 -12.97
CA TRP A 41 -5.63 -53.58 -12.00
C TRP A 41 -5.78 -54.13 -10.60
N TYR A 42 -5.28 -53.37 -9.62
CA TYR A 42 -5.38 -53.76 -8.22
C TYR A 42 -5.73 -52.54 -7.38
N VAL A 43 -6.84 -52.64 -6.67
CA VAL A 43 -7.25 -51.66 -5.68
C VAL A 43 -7.17 -52.37 -4.34
N ASP A 44 -6.13 -52.07 -3.57
CA ASP A 44 -5.84 -52.70 -2.26
C ASP A 44 -5.73 -54.21 -2.37
N GLY A 45 -5.09 -54.69 -3.43
CA GLY A 45 -4.91 -56.12 -3.64
C GLY A 45 -6.04 -56.78 -4.41
N VAL A 46 -7.27 -56.34 -4.18
CA VAL A 46 -8.44 -56.93 -4.84
C VAL A 46 -8.46 -56.46 -6.29
N GLU A 47 -8.47 -57.40 -7.22
CA GLU A 47 -8.54 -57.06 -8.63
C GLU A 47 -9.95 -56.58 -8.98
N VAL A 48 -10.02 -55.54 -9.80
CA VAL A 48 -11.31 -54.99 -10.23
C VAL A 48 -11.51 -55.31 -11.71
N HIS A 49 -12.72 -55.04 -12.20
CA HIS A 49 -13.12 -55.46 -13.54
C HIS A 49 -13.89 -54.38 -14.30
N ASN A 50 -13.89 -53.14 -13.84
CA ASN A 50 -14.55 -52.06 -14.57
C ASN A 50 -13.54 -51.16 -15.29
N ALA A 51 -12.40 -51.72 -15.68
CA ALA A 51 -11.38 -50.98 -16.39
C ALA A 51 -11.78 -50.80 -17.85
N LYS A 52 -11.01 -49.99 -18.56
CA LYS A 52 -11.33 -49.67 -19.94
C LYS A 52 -10.02 -49.50 -20.71
N THR A 53 -10.01 -49.91 -21.97
CA THR A 53 -8.80 -49.85 -22.79
C THR A 53 -9.17 -49.44 -24.20
N LYS A 54 -8.42 -48.49 -24.76
CA LYS A 54 -8.41 -47.92 -26.10
C LYS A 54 -7.45 -48.69 -26.99
N PRO A 55 -7.76 -48.84 -28.28
CA PRO A 55 -6.89 -49.64 -29.15
C PRO A 55 -5.61 -48.89 -29.53
N ARG A 56 -4.64 -49.65 -30.01
CA ARG A 56 -3.30 -49.12 -30.25
C ARG A 56 -3.25 -48.39 -31.59
N GLU A 57 -2.08 -47.81 -31.88
CA GLU A 57 -1.76 -47.27 -33.18
C GLU A 57 -0.24 -47.25 -33.34
N GLU A 58 0.19 -47.06 -34.59
CA GLU A 58 1.62 -47.01 -34.91
C GLU A 58 2.19 -45.63 -34.60
N GLN A 59 3.35 -45.61 -33.96
CA GLN A 59 3.96 -44.39 -33.45
C GLN A 59 5.09 -43.89 -34.34
N TYR A 60 5.82 -42.90 -33.84
CA TYR A 60 6.84 -42.23 -34.63
C TYR A 60 8.07 -43.11 -34.82
N ASN A 61 8.68 -43.52 -33.72
CA ASN A 61 9.93 -44.29 -33.77
C ASN A 61 9.69 -45.80 -33.82
N SER A 62 8.80 -46.21 -34.73
CA SER A 62 8.50 -47.60 -35.06
C SER A 62 8.05 -48.41 -33.83
N THR A 63 7.19 -47.81 -33.02
CA THR A 63 6.70 -48.42 -31.78
C THR A 63 5.18 -48.38 -31.76
N TYR A 64 4.61 -48.85 -30.65
CA TYR A 64 3.19 -48.72 -30.38
C TYR A 64 2.99 -48.02 -29.03
N ARG A 65 1.72 -47.73 -28.73
CA ARG A 65 1.35 -46.98 -27.54
C ARG A 65 -0.05 -47.41 -27.11
N VAL A 66 -0.17 -47.93 -25.89
CA VAL A 66 -1.42 -48.46 -25.36
C VAL A 66 -1.75 -47.70 -24.09
N VAL A 67 -3.02 -47.30 -23.96
CA VAL A 67 -3.51 -46.54 -22.81
C VAL A 67 -4.63 -47.33 -22.14
N SER A 68 -4.53 -47.50 -20.82
CA SER A 68 -5.57 -48.13 -20.01
C SER A 68 -6.08 -47.13 -18.98
N VAL A 69 -7.40 -47.08 -18.81
CA VAL A 69 -8.08 -46.07 -18.00
C VAL A 69 -8.93 -46.77 -16.95
N LEU A 70 -8.84 -46.31 -15.71
CA LEU A 70 -9.68 -46.82 -14.63
C LEU A 70 -10.37 -45.67 -13.93
N THR A 71 -11.68 -45.78 -13.74
CA THR A 71 -12.44 -44.76 -13.03
C THR A 71 -12.60 -45.15 -11.56
N VAL A 72 -12.54 -44.14 -10.69
CA VAL A 72 -12.58 -44.35 -9.25
C VAL A 72 -13.75 -43.56 -8.69
N LEU A 73 -13.97 -43.72 -7.39
CA LEU A 73 -14.95 -42.92 -6.68
C LEU A 73 -14.27 -41.72 -6.06
N HIS A 74 -15.07 -40.71 -5.69
CA HIS A 74 -14.50 -39.47 -5.17
C HIS A 74 -13.94 -39.66 -3.77
N GLN A 75 -14.66 -40.37 -2.92
CA GLN A 75 -14.21 -40.51 -1.54
C GLN A 75 -13.20 -41.63 -1.37
N ASP A 76 -12.88 -42.38 -2.42
CA ASP A 76 -11.79 -43.33 -2.33
C ASP A 76 -10.45 -42.64 -2.52
N TRP A 77 -10.40 -41.66 -3.43
CA TRP A 77 -9.15 -40.96 -3.67
C TRP A 77 -8.79 -40.04 -2.52
N LEU A 78 -9.78 -39.37 -1.92
CA LEU A 78 -9.50 -38.44 -0.83
C LEU A 78 -9.34 -39.12 0.53
N ASN A 79 -9.08 -40.43 0.55
CA ASN A 79 -8.80 -41.14 1.77
C ASN A 79 -7.51 -41.93 1.72
N GLY A 80 -6.96 -42.18 0.54
CA GLY A 80 -5.64 -42.75 0.43
C GLY A 80 -5.59 -44.22 0.08
N LYS A 81 -6.41 -44.66 -0.86
CA LYS A 81 -6.32 -46.04 -1.32
C LYS A 81 -5.23 -46.16 -2.38
N GLU A 82 -4.38 -47.15 -2.24
CA GLU A 82 -3.32 -47.35 -3.20
C GLU A 82 -3.86 -47.96 -4.48
N TYR A 83 -3.26 -47.58 -5.61
CA TYR A 83 -3.70 -48.01 -6.92
C TYR A 83 -2.53 -48.63 -7.67
N LYS A 84 -2.72 -49.84 -8.17
CA LYS A 84 -1.63 -50.62 -8.75
C LYS A 84 -1.96 -51.06 -10.17
N CYS A 85 -1.09 -50.69 -11.10
CA CYS A 85 -1.12 -51.22 -12.46
C CYS A 85 -0.11 -52.36 -12.55
N LYS A 86 -0.56 -53.47 -13.13
CA LYS A 86 0.30 -54.63 -13.39
C LYS A 86 0.29 -54.90 -14.88
N VAL A 87 1.48 -54.96 -15.48
CA VAL A 87 1.64 -55.04 -16.92
C VAL A 87 2.31 -56.37 -17.24
N SER A 88 1.69 -57.13 -18.14
CA SER A 88 2.22 -58.40 -18.62
C SER A 88 2.33 -58.36 -20.14
N ASN A 89 3.52 -58.67 -20.65
CA ASN A 89 3.74 -58.81 -22.08
C ASN A 89 4.38 -60.18 -22.32
N LYS A 90 4.86 -60.45 -23.53
CA LYS A 90 5.52 -61.72 -23.83
C LYS A 90 7.03 -61.61 -23.93
N ALA A 91 7.55 -60.49 -24.45
CA ALA A 91 8.99 -60.31 -24.53
C ALA A 91 9.61 -59.97 -23.18
N LEU A 92 8.81 -59.52 -22.22
CA LEU A 92 9.27 -59.07 -20.93
C LEU A 92 9.33 -60.23 -19.95
N PRO A 93 10.44 -60.35 -19.21
CA PRO A 93 10.58 -61.49 -18.29
C PRO A 93 9.71 -61.40 -17.06
N ALA A 94 9.34 -60.19 -16.64
CA ALA A 94 8.62 -59.99 -15.39
C ALA A 94 7.50 -58.98 -15.61
N PRO A 95 6.40 -59.07 -14.84
CA PRO A 95 5.39 -58.02 -14.90
C PRO A 95 5.91 -56.73 -14.28
N ILE A 96 5.31 -55.62 -14.68
CA ILE A 96 5.71 -54.31 -14.19
C ILE A 96 4.54 -53.72 -13.41
N GLU A 97 4.76 -53.40 -12.15
CA GLU A 97 3.70 -52.93 -11.27
C GLU A 97 4.05 -51.57 -10.70
N LYS A 98 3.05 -50.67 -10.65
CA LYS A 98 3.21 -49.35 -10.06
C LYS A 98 2.02 -49.06 -9.15
N THR A 99 2.27 -48.28 -8.10
CA THR A 99 1.21 -47.85 -7.18
C THR A 99 1.30 -46.35 -6.96
N ILE A 100 0.15 -45.67 -6.96
CA ILE A 100 0.06 -44.26 -6.58
C ILE A 100 -1.13 -44.06 -5.66
N SER A 101 -1.10 -42.93 -4.95
CA SER A 101 -2.16 -42.51 -4.03
C SER A 101 -1.93 -41.03 -3.70
N LYS A 102 -2.78 -40.50 -2.82
CA LYS A 102 -2.65 -39.11 -2.39
C LYS A 102 -1.48 -38.99 -1.41
N ALA A 103 -0.85 -37.82 -1.38
CA ALA A 103 0.19 -37.55 -0.40
C ALA A 103 -0.40 -37.48 1.00
N LYS A 104 0.39 -37.90 1.99
CA LYS A 104 -0.11 -38.08 3.34
C LYS A 104 0.30 -36.93 4.23
N GLY A 105 -0.55 -36.60 5.18
CA GLY A 105 -0.30 -35.54 6.13
C GLY A 105 -1.57 -34.81 6.51
N GLN A 106 -1.47 -34.05 7.59
CA GLN A 106 -2.56 -33.20 8.07
C GLN A 106 -2.78 -32.06 7.10
N PRO A 107 -3.98 -31.89 6.55
CA PRO A 107 -4.20 -30.80 5.61
C PRO A 107 -4.30 -29.44 6.27
N ARG A 108 -3.88 -28.43 5.53
CA ARG A 108 -3.99 -27.02 5.88
C ARG A 108 -4.83 -26.33 4.82
N GLU A 109 -5.19 -25.07 5.03
CA GLU A 109 -6.02 -24.37 4.06
C GLU A 109 -5.42 -23.02 3.71
N PRO A 110 -5.64 -22.52 2.50
CA PRO A 110 -4.90 -21.34 2.05
C PRO A 110 -5.60 -20.02 2.27
N GLN A 111 -4.79 -18.97 2.35
CA GLN A 111 -5.25 -17.59 2.38
C GLN A 111 -5.07 -16.94 1.02
N VAL A 112 -5.97 -16.02 0.69
CA VAL A 112 -6.12 -15.46 -0.65
C VAL A 112 -6.12 -13.96 -0.55
N TYR A 113 -5.14 -13.31 -1.18
CA TYR A 113 -5.04 -11.87 -1.13
C TYR A 113 -4.85 -11.38 -2.55
N THR A 114 -5.66 -10.41 -2.94
CA THR A 114 -5.58 -9.83 -4.28
C THR A 114 -4.90 -8.49 -4.21
N LEU A 115 -4.09 -8.19 -5.22
CA LEU A 115 -3.25 -7.03 -5.21
C LEU A 115 -3.52 -6.14 -6.42
N PRO A 116 -3.62 -4.83 -6.23
CA PRO A 116 -3.87 -3.92 -7.36
C PRO A 116 -2.62 -3.72 -8.19
N PRO A 117 -2.70 -3.11 -9.36
CA PRO A 117 -1.48 -2.87 -10.13
C PRO A 117 -0.59 -1.81 -9.50
N SER A 118 0.70 -1.92 -9.76
CA SER A 118 1.63 -0.85 -9.41
C SER A 118 1.31 0.37 -10.23
N ARG A 119 1.48 1.53 -9.62
CA ARG A 119 0.98 2.74 -10.23
C ARG A 119 1.92 3.29 -11.30
N ASP A 120 3.13 2.74 -11.41
CA ASP A 120 4.00 3.01 -12.56
C ASP A 120 3.58 2.28 -13.80
N GLU A 121 2.68 1.32 -13.72
CA GLU A 121 2.32 0.55 -14.88
C GLU A 121 1.17 1.19 -15.64
N LEU A 122 0.59 2.26 -15.10
CA LEU A 122 -0.46 3.00 -15.77
C LEU A 122 0.07 3.96 -16.83
N THR A 123 1.30 3.78 -17.31
CA THR A 123 1.78 4.46 -18.50
C THR A 123 1.91 3.49 -19.67
N LYS A 124 1.21 2.37 -19.62
CA LYS A 124 1.27 1.31 -20.61
C LYS A 124 -0.12 1.10 -21.21
N ASN A 125 -0.25 0.08 -22.03
CA ASN A 125 -1.54 -0.24 -22.63
C ASN A 125 -2.30 -1.27 -21.82
N GLN A 126 -1.60 -2.23 -21.25
CA GLN A 126 -2.18 -3.32 -20.46
C GLN A 126 -1.67 -3.25 -19.04
N VAL A 127 -2.46 -3.77 -18.12
CA VAL A 127 -2.11 -3.80 -16.70
C VAL A 127 -2.24 -5.24 -16.19
N SER A 128 -1.64 -5.48 -15.02
CA SER A 128 -1.48 -6.82 -14.47
C SER A 128 -2.08 -6.90 -13.09
N LEU A 129 -3.08 -7.75 -12.90
CA LEU A 129 -3.68 -8.03 -11.61
C LEU A 129 -3.10 -9.33 -11.03
N THR A 130 -3.08 -9.43 -9.71
CA THR A 130 -2.27 -10.41 -8.99
C THR A 130 -3.06 -11.09 -7.89
N CYS A 131 -2.97 -12.42 -7.82
CA CYS A 131 -3.62 -13.19 -6.75
C CYS A 131 -2.56 -14.05 -6.06
N LEU A 132 -2.22 -13.73 -4.81
CA LEU A 132 -1.37 -14.54 -3.96
C LEU A 132 -2.19 -15.55 -3.18
N VAL A 133 -1.79 -16.83 -3.22
CA VAL A 133 -2.44 -17.91 -2.46
C VAL A 133 -1.37 -18.60 -1.65
N LYS A 134 -1.48 -18.58 -0.32
CA LYS A 134 -0.38 -19.10 0.49
C LYS A 134 -0.86 -19.96 1.65
N GLY A 135 -0.03 -20.91 2.04
CA GLY A 135 -0.22 -21.64 3.26
C GLY A 135 -0.93 -22.97 3.18
N PHE A 136 -0.97 -23.60 2.02
CA PHE A 136 -1.72 -24.83 1.85
C PHE A 136 -0.86 -26.08 1.87
N TYR A 137 -1.53 -27.22 2.02
CA TYR A 137 -0.96 -28.58 1.96
C TYR A 137 -2.12 -29.55 1.80
N PRO A 138 -2.12 -30.47 0.83
CA PRO A 138 -1.15 -30.87 -0.21
C PRO A 138 -1.03 -29.85 -1.32
N SER A 139 -0.28 -30.12 -2.37
CA SER A 139 -0.09 -29.11 -3.40
C SER A 139 -1.03 -29.33 -4.58
N ASP A 140 -2.28 -29.71 -4.33
CA ASP A 140 -3.28 -29.94 -5.37
C ASP A 140 -4.36 -28.87 -5.29
N ILE A 141 -4.27 -27.88 -6.16
CA ILE A 141 -5.02 -26.65 -6.05
C ILE A 141 -5.58 -26.35 -7.43
N ALA A 142 -6.63 -25.52 -7.50
CA ALA A 142 -7.07 -25.05 -8.81
C ALA A 142 -7.54 -23.60 -8.72
N VAL A 143 -7.00 -22.75 -9.58
CA VAL A 143 -7.20 -21.30 -9.54
C VAL A 143 -7.75 -20.85 -10.89
N GLU A 144 -8.81 -20.02 -10.88
CA GLU A 144 -9.39 -19.46 -12.08
C GLU A 144 -9.76 -18.00 -11.85
N TRP A 145 -10.07 -17.29 -12.93
CA TRP A 145 -10.45 -15.88 -12.89
C TRP A 145 -11.74 -15.66 -13.65
N GLU A 146 -12.50 -14.63 -13.25
CA GLU A 146 -13.75 -14.31 -13.95
C GLU A 146 -14.10 -12.84 -13.79
N SER A 147 -15.09 -12.40 -14.56
CA SER A 147 -15.55 -11.02 -14.56
C SER A 147 -16.94 -10.96 -15.21
N ASN A 148 -17.90 -10.35 -14.51
CA ASN A 148 -19.31 -10.23 -14.95
C ASN A 148 -19.92 -11.57 -15.31
N GLY A 149 -19.60 -12.59 -14.53
CA GLY A 149 -20.11 -13.92 -14.78
C GLY A 149 -19.52 -14.66 -15.97
N GLN A 150 -18.67 -14.03 -16.75
CA GLN A 150 -18.08 -14.70 -17.89
C GLN A 150 -16.60 -14.97 -17.63
N PRO A 151 -16.08 -16.09 -18.09
CA PRO A 151 -14.70 -16.44 -17.74
C PRO A 151 -13.66 -15.79 -18.65
N GLU A 152 -12.58 -15.34 -18.01
CA GLU A 152 -11.40 -14.77 -18.65
C GLU A 152 -10.46 -15.88 -19.06
N ASN A 153 -9.52 -15.57 -19.95
CA ASN A 153 -8.58 -16.58 -20.40
C ASN A 153 -7.13 -16.13 -20.48
N ASN A 154 -6.84 -14.86 -20.26
CA ASN A 154 -5.49 -14.34 -20.42
C ASN A 154 -4.76 -14.31 -19.07
N TYR A 155 -4.63 -15.47 -18.43
CA TYR A 155 -3.93 -15.55 -17.16
C TYR A 155 -2.86 -16.64 -17.20
N LYS A 156 -1.83 -16.49 -16.37
CA LYS A 156 -0.76 -17.45 -16.16
C LYS A 156 -0.57 -17.70 -14.67
N THR A 157 0.05 -18.82 -14.32
CA THR A 157 0.12 -19.30 -12.94
C THR A 157 1.40 -20.08 -12.70
N THR A 158 2.13 -19.74 -11.63
CA THR A 158 3.41 -20.37 -11.31
C THR A 158 3.18 -21.78 -10.77
N PRO A 159 4.22 -22.62 -10.74
CA PRO A 159 4.11 -23.88 -10.01
C PRO A 159 4.15 -23.64 -8.52
N PRO A 160 3.71 -24.59 -7.70
CA PRO A 160 3.79 -24.42 -6.25
C PRO A 160 5.22 -24.50 -5.73
N VAL A 161 5.55 -23.60 -4.83
CA VAL A 161 6.90 -23.38 -4.34
C VAL A 161 6.88 -23.69 -2.86
N LEU A 162 7.82 -24.49 -2.39
CA LEU A 162 7.82 -24.90 -0.98
C LEU A 162 8.27 -23.76 -0.08
N ASP A 163 7.55 -23.55 1.00
CA ASP A 163 7.74 -22.40 1.87
C ASP A 163 8.72 -22.78 2.96
N SER A 164 8.81 -21.98 4.03
CA SER A 164 9.81 -22.23 5.07
C SER A 164 9.38 -23.32 6.04
N ASP A 165 8.09 -23.43 6.34
CA ASP A 165 7.62 -24.35 7.37
C ASP A 165 6.85 -25.55 6.82
N GLY A 166 7.04 -25.90 5.55
CA GLY A 166 6.51 -27.13 5.02
C GLY A 166 5.19 -27.02 4.29
N SER A 167 4.74 -25.82 3.98
CA SER A 167 3.55 -25.57 3.20
C SER A 167 3.99 -24.89 1.89
N PHE A 168 3.03 -24.40 1.11
CA PHE A 168 3.27 -24.01 -0.27
C PHE A 168 2.71 -22.62 -0.52
N PHE A 169 3.16 -21.98 -1.60
CA PHE A 169 2.54 -20.75 -2.07
C PHE A 169 2.55 -20.73 -3.59
N LEU A 170 1.73 -19.84 -4.15
CA LEU A 170 1.75 -19.55 -5.57
C LEU A 170 1.16 -18.17 -5.82
N TYR A 171 1.46 -17.64 -6.99
CA TYR A 171 0.91 -16.39 -7.53
C TYR A 171 0.25 -16.69 -8.86
N SER A 172 -0.72 -15.85 -9.22
CA SER A 172 -1.38 -15.89 -10.52
C SER A 172 -1.51 -14.48 -11.09
N LYS A 173 -1.23 -14.34 -12.39
CA LYS A 173 -1.15 -13.04 -13.06
C LYS A 173 -2.18 -12.98 -14.17
N LEU A 174 -3.04 -11.96 -14.14
CA LEU A 174 -4.07 -11.73 -15.15
C LEU A 174 -3.81 -10.40 -15.84
N THR A 175 -3.80 -10.40 -17.17
CA THR A 175 -3.49 -9.23 -17.97
C THR A 175 -4.73 -8.68 -18.64
N VAL A 176 -5.12 -7.45 -18.31
CA VAL A 176 -6.31 -6.83 -18.87
C VAL A 176 -5.93 -5.50 -19.50
N ASP A 177 -6.80 -4.97 -20.35
CA ASP A 177 -6.54 -3.67 -20.92
C ASP A 177 -6.72 -2.58 -19.89
N LYS A 178 -6.14 -1.42 -20.14
CA LYS A 178 -6.20 -0.35 -19.16
C LYS A 178 -7.58 0.30 -19.15
N SER A 179 -8.24 0.30 -20.30
CA SER A 179 -9.57 0.86 -20.45
C SER A 179 -10.57 0.16 -19.56
N ARG A 180 -10.45 -1.16 -19.40
CA ARG A 180 -11.39 -1.93 -18.60
C ARG A 180 -11.09 -1.86 -17.10
N TRP A 181 -9.87 -1.53 -16.70
CA TRP A 181 -9.61 -1.33 -15.27
C TRP A 181 -10.03 0.06 -14.84
N GLN A 182 -9.81 1.08 -15.68
CA GLN A 182 -10.05 2.46 -15.28
C GLN A 182 -11.53 2.78 -15.07
N GLN A 183 -12.43 2.08 -15.76
CA GLN A 183 -13.85 2.39 -15.72
C GLN A 183 -14.57 1.74 -14.55
N GLY A 184 -13.89 1.01 -13.71
CA GLY A 184 -14.54 0.45 -12.53
C GLY A 184 -15.29 -0.83 -12.77
N ASN A 185 -14.66 -1.83 -13.36
CA ASN A 185 -15.23 -3.17 -13.41
C ASN A 185 -14.80 -3.95 -12.17
N VAL A 186 -15.30 -5.18 -12.03
CA VAL A 186 -15.03 -6.02 -10.87
C VAL A 186 -14.56 -7.39 -11.33
N PHE A 187 -13.36 -7.79 -10.89
CA PHE A 187 -12.68 -9.01 -11.30
C PHE A 187 -12.54 -9.96 -10.10
N SER A 188 -12.54 -11.27 -10.34
CA SER A 188 -12.61 -12.25 -9.25
C SER A 188 -11.67 -13.43 -9.41
N CYS A 189 -10.92 -13.75 -8.35
CA CYS A 189 -10.05 -14.92 -8.25
C CYS A 189 -10.79 -16.01 -7.48
N SER A 190 -10.94 -17.18 -8.08
CA SER A 190 -11.71 -18.28 -7.51
C SER A 190 -10.80 -19.48 -7.30
N VAL A 191 -10.86 -20.09 -6.11
CA VAL A 191 -9.91 -21.12 -5.69
C VAL A 191 -10.67 -22.35 -5.21
N MET A 192 -10.16 -23.54 -5.57
CA MET A 192 -10.65 -24.81 -5.05
C MET A 192 -9.53 -25.65 -4.45
N HIS A 193 -9.74 -26.15 -3.24
CA HIS A 193 -8.80 -26.98 -2.50
C HIS A 193 -9.62 -27.94 -1.65
N GLU A 194 -8.99 -28.98 -1.10
CA GLU A 194 -9.75 -29.97 -0.37
C GLU A 194 -10.05 -29.60 1.08
N ALA A 195 -9.48 -28.51 1.59
CA ALA A 195 -9.64 -28.15 2.99
C ALA A 195 -10.41 -26.87 3.21
N LEU A 196 -10.87 -26.21 2.15
CA LEU A 196 -11.78 -25.09 2.31
C LEU A 196 -13.19 -25.61 2.60
N HIS A 197 -14.06 -24.71 3.05
CA HIS A 197 -15.44 -25.10 3.36
C HIS A 197 -16.25 -25.19 2.08
N ASN A 198 -16.77 -26.39 1.79
CA ASN A 198 -17.38 -26.80 0.53
C ASN A 198 -16.47 -26.64 -0.67
N HIS A 199 -15.15 -26.70 -0.45
CA HIS A 199 -14.13 -26.77 -1.50
C HIS A 199 -14.10 -25.54 -2.41
N TYR A 200 -14.44 -24.34 -1.94
CA TYR A 200 -14.50 -23.20 -2.84
C TYR A 200 -14.36 -21.89 -2.07
N THR A 201 -13.67 -20.90 -2.65
CA THR A 201 -13.71 -19.52 -2.13
C THR A 201 -13.35 -18.53 -3.23
N GLN A 202 -13.75 -17.26 -3.04
CA GLN A 202 -13.50 -16.18 -4.00
C GLN A 202 -13.00 -14.92 -3.33
N LYS A 203 -12.30 -14.08 -4.11
CA LYS A 203 -12.01 -12.70 -3.72
C LYS A 203 -12.15 -11.78 -4.93
N SER A 204 -12.49 -10.51 -4.66
CA SER A 204 -12.84 -9.54 -5.69
C SER A 204 -11.93 -8.32 -5.70
N LEU A 205 -11.97 -7.57 -6.80
CA LEU A 205 -11.04 -6.47 -7.04
C LEU A 205 -11.68 -5.45 -7.96
N SER A 206 -11.60 -4.16 -7.58
CA SER A 206 -12.19 -3.06 -8.35
C SER A 206 -11.41 -1.78 -8.07
N LEU A 207 -11.82 -0.67 -8.70
CA LEU A 207 -11.02 0.55 -8.70
C LEU A 207 -11.48 1.62 -7.71
N SER A 208 -12.79 1.98 -7.67
CA SER A 208 -13.39 2.95 -6.74
C SER A 208 -12.80 4.36 -6.83
N PRO A 209 -13.27 5.21 -7.78
CA PRO A 209 -12.48 6.35 -8.26
C PRO A 209 -12.19 7.51 -7.31
N GLU A 210 -11.55 8.54 -7.85
CA GLU A 210 -10.79 9.56 -7.14
C GLU A 210 -11.67 10.60 -6.44
N LEU A 211 -11.02 11.35 -5.55
CA LEU A 211 -11.63 12.30 -4.63
C LEU A 211 -11.53 13.74 -5.16
N GLN A 212 -11.83 14.72 -4.30
CA GLN A 212 -12.04 16.09 -4.76
C GLN A 212 -11.11 17.13 -4.13
N LEU A 213 -10.88 17.09 -2.81
CA LEU A 213 -10.19 18.14 -2.03
C LEU A 213 -10.87 19.49 -2.23
N GLU A 214 -12.08 19.60 -1.65
CA GLU A 214 -13.02 20.67 -2.03
C GLU A 214 -12.61 22.03 -1.48
N GLU A 215 -12.30 22.12 -0.19
CA GLU A 215 -11.93 23.35 0.52
C GLU A 215 -13.06 24.40 0.47
N SER A 216 -14.17 24.08 1.13
CA SER A 216 -15.32 24.99 1.10
C SER A 216 -16.02 25.10 2.44
N CYS A 217 -15.30 25.05 3.56
CA CYS A 217 -15.98 25.06 4.84
C CYS A 217 -15.25 25.86 5.93
N ALA A 218 -14.89 27.11 5.65
CA ALA A 218 -14.96 28.20 6.64
C ALA A 218 -14.38 28.03 8.05
N GLU A 219 -13.07 28.12 8.22
CA GLU A 219 -12.37 28.01 9.51
C GLU A 219 -12.94 28.84 10.66
N ALA A 220 -12.68 28.44 11.91
CA ALA A 220 -13.33 29.01 13.08
C ALA A 220 -12.61 30.23 13.62
N GLN A 221 -13.37 31.18 14.19
CA GLN A 221 -12.88 32.44 14.73
C GLN A 221 -12.92 32.36 16.25
N ASP A 222 -12.18 33.24 16.95
CA ASP A 222 -11.98 32.98 18.37
C ASP A 222 -13.17 33.32 19.25
N GLY A 223 -13.97 34.31 18.90
CA GLY A 223 -15.05 34.69 19.78
C GLY A 223 -16.42 34.64 19.15
N GLU A 224 -16.69 33.60 18.37
CA GLU A 224 -17.95 33.49 17.63
C GLU A 224 -19.15 33.50 18.57
N LEU A 225 -19.20 32.57 19.51
CA LEU A 225 -20.33 32.43 20.42
C LEU A 225 -19.81 32.54 21.84
N ASP A 226 -20.02 33.69 22.44
CA ASP A 226 -19.45 33.97 23.74
C ASP A 226 -20.46 34.88 24.45
N GLY A 227 -21.36 34.27 25.20
CA GLY A 227 -22.38 35.01 25.88
C GLY A 227 -23.59 35.33 25.05
N LEU A 228 -23.84 34.62 23.96
CA LEU A 228 -25.03 34.89 23.18
C LEU A 228 -26.29 34.40 23.87
N TRP A 229 -26.20 33.39 24.74
CA TRP A 229 -27.37 33.01 25.51
C TRP A 229 -27.71 34.02 26.57
N THR A 230 -26.74 34.80 27.05
CA THR A 230 -27.03 35.84 28.02
C THR A 230 -27.84 36.95 27.39
N THR A 231 -27.47 37.37 26.18
CA THR A 231 -27.97 38.60 25.62
C THR A 231 -29.26 38.44 24.83
N ILE A 232 -29.99 37.36 25.06
CA ILE A 232 -31.40 37.37 24.70
C ILE A 232 -32.22 37.96 25.82
N THR A 233 -31.87 37.62 27.06
CA THR A 233 -32.62 38.08 28.22
C THR A 233 -32.51 39.58 28.42
N ILE A 234 -31.39 40.17 28.02
CA ILE A 234 -31.25 41.62 28.12
C ILE A 234 -32.20 42.32 27.17
N PHE A 235 -32.31 41.85 25.93
CA PHE A 235 -33.26 42.52 25.05
C PHE A 235 -34.70 42.18 25.35
N ILE A 236 -34.94 41.06 26.05
CA ILE A 236 -36.27 40.82 26.60
C ILE A 236 -36.62 41.87 27.65
N THR A 237 -35.76 42.02 28.68
CA THR A 237 -36.11 42.91 29.78
C THR A 237 -36.07 44.38 29.35
N LEU A 238 -35.23 44.71 28.38
CA LEU A 238 -35.17 46.07 27.84
C LEU A 238 -36.41 46.36 27.01
N PHE A 239 -36.89 45.36 26.27
CA PHE A 239 -38.12 45.52 25.50
C PHE A 239 -39.32 45.74 26.40
N LEU A 240 -39.45 44.95 27.47
CA LEU A 240 -40.61 45.05 28.35
C LEU A 240 -40.59 46.36 29.15
N LEU A 241 -39.42 46.76 29.64
CA LEU A 241 -39.30 48.07 30.29
C LEU A 241 -39.60 49.21 29.33
N SER A 242 -39.26 49.06 28.05
CA SER A 242 -39.60 50.08 27.08
C SER A 242 -41.10 50.17 26.86
N VAL A 243 -41.79 49.03 26.86
CA VAL A 243 -43.25 49.06 26.71
C VAL A 243 -43.92 49.69 27.93
N CYS A 244 -43.36 49.43 29.12
CA CYS A 244 -43.90 50.02 30.35
C CYS A 244 -43.73 51.53 30.37
N TYR A 245 -42.54 52.02 30.00
CA TYR A 245 -42.33 53.47 30.00
C TYR A 245 -43.12 54.15 28.90
N SER A 246 -43.26 53.51 27.74
CA SER A 246 -44.06 54.11 26.68
C SER A 246 -45.54 54.15 27.05
N ALA A 247 -46.01 53.16 27.81
CA ALA A 247 -47.39 53.18 28.27
C ALA A 247 -47.61 54.28 29.31
N THR A 248 -46.66 54.44 30.25
CA THR A 248 -46.84 55.45 31.29
C THR A 248 -46.74 56.87 30.75
N VAL A 249 -45.92 57.09 29.71
CA VAL A 249 -45.88 58.43 29.13
C VAL A 249 -47.10 58.67 28.25
N THR A 250 -47.46 57.68 27.42
CA THR A 250 -48.61 57.87 26.54
C THR A 250 -49.95 57.82 27.26
N PHE A 251 -49.96 57.48 28.55
CA PHE A 251 -51.20 57.53 29.32
C PHE A 251 -51.65 58.97 29.53
N PHE A 252 -50.72 59.87 29.80
CA PHE A 252 -51.07 61.28 29.99
C PHE A 252 -51.29 61.97 28.65
N LEU B 1 16.02 15.80 14.19
CA LEU B 1 17.08 16.24 13.29
C LEU B 1 16.54 17.26 12.31
N TRP B 2 16.99 17.24 11.06
CA TRP B 2 16.45 18.22 10.13
C TRP B 2 15.12 17.81 9.55
N MET B 3 14.69 16.58 9.80
CA MET B 3 13.44 16.11 9.22
C MET B 3 12.23 16.76 9.87
N HIS B 4 12.40 17.39 11.02
CA HIS B 4 11.28 17.90 11.78
C HIS B 4 11.19 19.42 11.68
N LYS B 5 12.13 20.06 10.98
CA LYS B 5 12.21 21.52 10.90
C LYS B 5 11.39 22.11 9.78
N VAL B 6 10.65 21.29 9.04
CA VAL B 6 9.91 21.69 7.85
C VAL B 6 8.46 21.90 8.28
N PRO B 7 7.69 22.89 7.74
CA PRO B 7 6.32 23.09 8.20
C PRO B 7 5.35 21.97 7.87
N ALA B 8 4.10 22.12 8.25
CA ALA B 8 3.13 21.07 8.01
C ALA B 8 1.99 21.45 7.10
N SER B 9 1.86 22.70 6.68
CA SER B 9 0.94 23.09 5.62
C SER B 9 1.37 24.44 5.05
N LEU B 10 0.75 24.80 3.93
CA LEU B 10 1.08 25.99 3.17
C LEU B 10 -0.17 26.48 2.45
N MET B 11 -0.55 27.74 2.67
CA MET B 11 -1.77 28.33 2.10
C MET B 11 -1.39 29.17 0.88
N VAL B 12 -1.97 28.85 -0.26
CA VAL B 12 -1.68 29.54 -1.52
C VAL B 12 -3.01 29.86 -2.19
N SER B 13 -3.14 31.07 -2.73
CA SER B 13 -4.30 31.39 -3.54
C SER B 13 -4.06 31.08 -5.00
N LEU B 14 -5.15 31.00 -5.77
CA LEU B 14 -5.08 30.71 -7.20
C LEU B 14 -4.35 31.80 -7.95
N GLY B 15 -3.21 31.45 -8.54
CA GLY B 15 -2.42 32.36 -9.33
C GLY B 15 -1.04 32.62 -8.77
N GLU B 16 -0.85 32.45 -7.47
CA GLU B 16 0.42 32.71 -6.83
C GLU B 16 1.39 31.55 -7.08
N ASP B 17 2.53 31.61 -6.40
CA ASP B 17 3.57 30.58 -6.49
C ASP B 17 3.70 29.88 -5.16
N ALA B 18 4.52 28.83 -5.14
CA ALA B 18 4.79 28.10 -3.90
C ALA B 18 6.26 27.75 -3.85
N HIS B 19 6.92 28.02 -2.73
CA HIS B 19 8.32 27.70 -2.52
C HIS B 19 8.44 26.60 -1.47
N PHE B 20 9.23 25.58 -1.76
CA PHE B 20 9.43 24.42 -0.91
C PHE B 20 10.93 24.26 -0.72
N GLN B 21 11.38 23.94 0.49
CA GLN B 21 12.82 23.93 0.80
C GLN B 21 13.27 22.69 1.56
N CYS B 22 14.57 22.36 1.43
CA CYS B 22 15.12 21.09 1.92
C CYS B 22 16.42 21.33 2.69
N PRO B 23 16.33 21.80 3.96
CA PRO B 23 17.52 22.25 4.69
C PRO B 23 18.37 21.19 5.38
N HIS B 24 19.30 20.56 4.69
CA HIS B 24 20.00 19.43 5.27
C HIS B 24 21.34 19.83 5.87
N ASN B 25 22.06 18.87 6.42
CA ASN B 25 23.34 19.09 7.08
C ASN B 25 24.38 18.12 6.53
N SER B 26 24.44 18.00 5.21
CA SER B 26 25.45 17.18 4.59
C SER B 26 26.44 18.05 3.86
N SER B 27 27.63 17.52 3.62
CA SER B 27 28.78 18.34 3.24
C SER B 27 28.93 18.40 1.73
N ASN B 28 27.99 19.11 1.10
CA ASN B 28 28.08 19.67 -0.25
C ASN B 28 28.23 18.63 -1.36
N ASN B 29 28.10 17.35 -1.04
CA ASN B 29 28.26 16.28 -2.02
C ASN B 29 27.07 15.32 -1.98
N ALA B 30 25.93 15.78 -1.48
CA ALA B 30 24.73 14.98 -1.41
C ALA B 30 24.02 15.03 -2.75
N ASN B 31 22.79 14.55 -2.78
CA ASN B 31 22.04 14.46 -4.02
C ASN B 31 20.56 14.48 -3.65
N VAL B 32 19.85 15.53 -4.06
CA VAL B 32 18.53 15.89 -3.53
C VAL B 32 17.49 15.70 -4.63
N THR B 33 16.40 14.97 -4.35
CA THR B 33 15.31 14.81 -5.32
C THR B 33 13.98 15.10 -4.65
N TRP B 34 12.94 15.39 -5.46
CA TRP B 34 11.64 15.84 -4.95
C TRP B 34 10.50 14.95 -5.45
N TRP B 35 9.59 14.57 -4.53
CA TRP B 35 8.60 13.51 -4.72
C TRP B 35 7.23 14.01 -4.27
N ARG B 36 6.15 13.45 -4.82
CA ARG B 36 4.80 13.95 -4.51
C ARG B 36 3.81 12.82 -4.21
N VAL B 37 3.07 12.96 -3.11
CA VAL B 37 2.21 11.93 -2.55
C VAL B 37 0.75 12.33 -2.75
N LEU B 38 -0.06 11.40 -3.23
CA LEU B 38 -1.45 11.60 -3.62
C LEU B 38 -2.41 11.07 -2.56
N HIS B 39 -3.66 11.51 -2.65
CA HIS B 39 -4.68 11.21 -1.64
C HIS B 39 -5.65 10.15 -2.14
N GLY B 40 -5.96 9.21 -1.27
CA GLY B 40 -6.87 8.13 -1.61
C GLY B 40 -6.41 6.77 -1.12
N ASN B 41 -6.79 5.72 -1.83
CA ASN B 41 -6.29 4.37 -1.60
C ASN B 41 -5.65 3.86 -2.90
N TYR B 42 -4.91 2.76 -2.77
CA TYR B 42 -4.21 2.07 -3.86
C TYR B 42 -3.24 3.02 -4.57
N THR B 43 -2.22 3.47 -3.84
CA THR B 43 -1.56 4.69 -4.27
C THR B 43 -0.03 4.66 -4.21
N TRP B 44 0.61 3.50 -4.11
CA TRP B 44 2.08 3.40 -4.13
C TRP B 44 2.59 3.12 -5.54
N PRO B 45 3.73 3.70 -6.02
CA PRO B 45 4.76 4.64 -5.55
C PRO B 45 4.31 6.07 -5.49
N PRO B 46 5.14 6.98 -4.98
CA PRO B 46 4.95 8.40 -5.26
C PRO B 46 5.31 8.76 -6.70
N GLU B 47 5.26 10.05 -6.99
CA GLU B 47 5.48 10.54 -8.34
C GLU B 47 6.70 11.44 -8.42
N PHE B 48 7.63 11.11 -9.30
CA PHE B 48 8.90 11.82 -9.38
C PHE B 48 8.71 13.21 -10.00
N LEU B 49 9.18 14.26 -9.31
CA LEU B 49 9.07 15.61 -9.80
C LEU B 49 10.37 16.15 -10.41
N GLY B 50 11.48 16.11 -9.69
CA GLY B 50 12.73 16.58 -10.24
C GLY B 50 13.81 16.82 -9.21
N PRO B 51 14.96 17.30 -9.65
CA PRO B 51 16.00 17.74 -8.72
C PRO B 51 15.83 19.15 -8.18
N GLY B 52 16.84 19.64 -7.46
CA GLY B 52 16.80 20.99 -6.92
C GLY B 52 17.33 22.03 -7.90
N GLU B 53 17.13 23.31 -7.54
CA GLU B 53 17.50 24.38 -8.47
C GLU B 53 18.80 25.08 -8.11
N ASP B 54 18.84 25.72 -6.96
CA ASP B 54 20.01 26.52 -6.57
C ASP B 54 21.00 25.57 -5.89
N PRO B 55 22.13 26.04 -5.32
CA PRO B 55 22.86 25.16 -4.38
C PRO B 55 22.17 24.83 -3.05
N ASN B 56 20.91 25.20 -2.85
CA ASN B 56 20.19 24.81 -1.65
C ASN B 56 19.07 23.83 -1.89
N GLY B 57 18.72 23.56 -3.14
CA GLY B 57 17.74 22.54 -3.47
C GLY B 57 16.29 22.95 -3.28
N THR B 58 15.85 24.02 -3.93
CA THR B 58 14.54 24.61 -3.71
C THR B 58 13.59 24.20 -4.84
N LEU B 59 12.33 23.93 -4.50
CA LEU B 59 11.33 23.62 -5.50
C LEU B 59 10.40 24.82 -5.61
N ILE B 60 10.12 25.25 -6.84
CA ILE B 60 9.25 26.39 -7.07
C ILE B 60 8.15 25.95 -8.02
N ILE B 61 6.90 26.10 -7.60
CA ILE B 61 5.74 25.79 -8.43
C ILE B 61 5.09 27.11 -8.82
N GLN B 62 4.92 27.32 -10.12
CA GLN B 62 4.41 28.57 -10.65
C GLN B 62 3.01 28.38 -11.19
N ASN B 63 2.17 29.38 -10.97
CA ASN B 63 0.79 29.48 -11.47
C ASN B 63 -0.05 28.29 -11.01
N VAL B 64 -0.26 28.26 -9.70
CA VAL B 64 -0.87 27.14 -9.01
C VAL B 64 -2.38 27.14 -9.23
N ASN B 65 -2.90 26.06 -9.80
CA ASN B 65 -4.32 25.81 -9.93
C ASN B 65 -4.72 24.62 -9.07
N LYS B 66 -5.98 24.22 -9.11
CA LYS B 66 -6.48 23.28 -8.11
C LYS B 66 -6.07 21.83 -8.34
N SER B 67 -5.25 21.52 -9.32
CA SER B 67 -4.82 20.14 -9.53
C SER B 67 -3.44 19.87 -8.92
N HIS B 68 -3.05 20.65 -7.92
CA HIS B 68 -1.72 20.52 -7.33
C HIS B 68 -1.74 20.18 -5.85
N GLY B 69 -2.90 19.91 -5.25
CA GLY B 69 -2.95 19.62 -3.82
C GLY B 69 -2.44 18.21 -3.51
N GLY B 70 -1.74 18.10 -2.40
CA GLY B 70 -1.10 16.84 -2.03
C GLY B 70 0.07 17.13 -1.12
N ILE B 71 0.84 16.09 -0.82
CA ILE B 71 1.95 16.18 0.14
C ILE B 71 3.27 16.12 -0.63
N TYR B 72 4.23 17.00 -0.32
CA TYR B 72 5.47 17.05 -1.09
C TYR B 72 6.67 16.75 -0.20
N VAL B 73 7.53 15.83 -0.67
CA VAL B 73 8.60 15.24 0.13
C VAL B 73 9.93 15.42 -0.61
N CYS B 74 11.05 15.57 0.08
CA CYS B 74 12.37 15.54 -0.55
C CYS B 74 13.22 14.44 0.05
N ARG B 75 14.13 13.86 -0.73
CA ARG B 75 15.04 12.84 -0.22
C ARG B 75 16.48 13.19 -0.55
N VAL B 76 17.38 12.94 0.40
CA VAL B 76 18.79 13.28 0.31
C VAL B 76 19.59 11.98 0.35
N GLN B 77 20.24 11.63 -0.75
CA GLN B 77 21.13 10.48 -0.78
C GLN B 77 22.54 10.93 -1.12
N GLU B 78 23.51 10.39 -0.41
CA GLU B 78 24.90 10.75 -0.62
C GLU B 78 25.65 9.52 -1.15
N GLY B 79 25.61 9.33 -2.47
CA GLY B 79 26.41 8.29 -3.11
C GLY B 79 25.63 6.98 -3.26
N ASN B 80 26.01 5.98 -2.47
CA ASN B 80 25.37 4.68 -2.52
C ASN B 80 24.80 4.23 -1.19
N GLU B 81 24.74 5.10 -0.19
CA GLU B 81 24.14 4.75 1.08
C GLU B 81 22.62 4.80 0.97
N SER B 82 21.95 4.63 2.11
CA SER B 82 20.50 4.72 2.14
C SER B 82 20.06 6.14 2.45
N TYR B 83 18.94 6.56 1.86
CA TYR B 83 18.55 7.96 1.85
C TYR B 83 17.99 8.41 3.19
N GLN B 84 17.83 9.73 3.31
CA GLN B 84 17.01 10.39 4.31
C GLN B 84 15.74 10.84 3.61
N GLN B 85 14.78 11.33 4.38
CA GLN B 85 13.51 11.77 3.80
C GLN B 85 12.81 12.67 4.80
N SER B 86 12.24 13.78 4.33
CA SER B 86 11.56 14.74 5.19
C SER B 86 10.15 14.28 5.49
N CYS B 87 9.45 14.98 6.37
CA CYS B 87 8.18 14.46 6.86
C CYS B 87 6.97 14.96 6.06
N GLY B 88 7.06 16.03 5.29
CA GLY B 88 5.94 16.45 4.44
C GLY B 88 5.43 17.87 4.60
N THR B 89 4.79 18.43 3.58
CA THR B 89 4.14 19.74 3.65
C THR B 89 2.91 19.68 2.76
N TYR B 90 1.73 19.87 3.32
CA TYR B 90 0.49 19.76 2.58
C TYR B 90 0.13 21.11 1.95
N LEU B 91 0.11 21.15 0.63
CA LEU B 91 -0.23 22.35 -0.12
C LEU B 91 -1.73 22.39 -0.31
N ARG B 92 -2.40 23.31 0.38
CA ARG B 92 -3.83 23.51 0.19
C ARG B 92 -4.11 24.83 -0.49
N VAL B 93 -4.94 24.78 -1.52
CA VAL B 93 -5.24 25.92 -2.39
C VAL B 93 -6.57 26.48 -1.92
N ARG B 94 -6.51 27.49 -1.05
CA ARG B 94 -7.69 28.23 -0.61
C ARG B 94 -7.60 29.61 -1.20
N GLN B 95 -8.38 29.85 -2.26
CA GLN B 95 -8.48 31.13 -2.98
C GLN B 95 -8.71 32.33 -2.05
N PRO B 96 -9.67 32.35 -1.13
CA PRO B 96 -9.76 33.53 -0.31
C PRO B 96 -8.78 33.47 0.84
N PRO B 97 -8.25 34.62 1.25
CA PRO B 97 -7.90 34.83 2.64
C PRO B 97 -9.17 35.06 3.44
N PRO B 98 -9.11 35.10 4.79
CA PRO B 98 -10.32 35.43 5.56
C PRO B 98 -10.89 36.80 5.19
N ARG B 99 -12.11 36.78 4.61
CA ARG B 99 -12.80 37.88 3.93
C ARG B 99 -12.91 39.11 4.82
N PRO B 100 -12.15 40.17 4.56
CA PRO B 100 -12.06 41.28 5.51
C PRO B 100 -13.29 42.17 5.53
N PHE B 101 -13.74 42.42 6.75
CA PHE B 101 -14.90 43.25 7.06
C PHE B 101 -14.48 44.66 7.44
N LEU B 102 -15.41 45.47 7.96
CA LEU B 102 -15.16 46.89 8.11
C LEU B 102 -14.53 47.28 9.44
N ASP B 103 -14.35 46.37 10.38
CA ASP B 103 -13.99 46.77 11.74
C ASP B 103 -12.96 45.85 12.40
N MET B 104 -12.92 45.88 13.72
CA MET B 104 -11.94 45.17 14.53
C MET B 104 -12.63 44.02 15.25
N GLY B 105 -11.84 43.16 15.92
CA GLY B 105 -12.34 42.21 16.89
C GLY B 105 -13.22 41.09 16.36
N GLU B 106 -13.59 40.12 17.20
CA GLU B 106 -14.67 39.22 16.82
C GLU B 106 -15.61 38.92 17.99
N GLY B 107 -15.07 38.92 19.19
CA GLY B 107 -15.86 38.64 20.37
C GLY B 107 -16.02 39.90 21.18
N THR B 108 -15.48 41.00 20.65
CA THR B 108 -15.72 42.34 21.16
C THR B 108 -16.61 43.10 20.19
N LYS B 109 -17.55 42.40 19.57
CA LYS B 109 -18.67 43.05 18.92
C LYS B 109 -19.91 42.67 19.69
N ASN B 110 -19.92 41.44 20.19
CA ASN B 110 -21.06 40.89 20.90
C ASN B 110 -21.27 41.61 22.21
N ARG B 111 -20.26 42.31 22.70
CA ARG B 111 -20.38 43.08 23.91
C ARG B 111 -20.44 44.58 23.68
N ILE B 112 -20.06 45.07 22.50
CA ILE B 112 -20.36 46.46 22.21
C ILE B 112 -21.85 46.63 21.96
N ILE B 113 -22.46 45.67 21.25
CA ILE B 113 -23.89 45.72 20.95
C ILE B 113 -24.72 45.71 22.24
N THR B 114 -24.41 44.78 23.13
CA THR B 114 -25.23 44.64 24.32
C THR B 114 -24.81 45.59 25.43
N ALA B 115 -23.57 46.07 25.42
CA ALA B 115 -23.21 47.18 26.29
C ALA B 115 -23.64 48.51 25.71
N GLU B 116 -24.28 48.54 24.56
CA GLU B 116 -24.71 49.77 23.91
C GLU B 116 -26.21 49.96 23.91
N GLY B 117 -26.99 48.88 23.85
CA GLY B 117 -28.44 49.02 23.92
C GLY B 117 -28.94 49.57 25.25
N ILE B 118 -28.26 49.22 26.35
CA ILE B 118 -28.66 49.73 27.65
C ILE B 118 -28.41 51.23 27.75
N ILE B 119 -27.29 51.68 27.20
CA ILE B 119 -26.99 53.12 27.07
C ILE B 119 -28.02 53.81 26.20
N LEU B 120 -28.58 53.08 25.22
CA LEU B 120 -29.63 53.69 24.39
C LEU B 120 -30.91 53.90 25.20
N LEU B 121 -31.32 52.92 26.00
CA LEU B 121 -32.56 53.12 26.78
C LEU B 121 -32.39 54.16 27.89
N PHE B 122 -31.35 53.99 28.72
CA PHE B 122 -31.12 54.89 29.83
C PHE B 122 -30.73 56.28 29.34
N CYS B 123 -30.20 56.39 28.13
CA CYS B 123 -29.95 57.69 27.53
C CYS B 123 -31.19 58.20 26.81
N ALA B 124 -32.23 57.37 26.72
CA ALA B 124 -33.46 57.81 26.05
C ALA B 124 -34.51 58.26 27.06
N VAL B 125 -34.50 57.68 28.27
CA VAL B 125 -35.62 57.89 29.20
C VAL B 125 -35.54 59.26 29.85
N VAL B 126 -34.44 59.54 30.56
CA VAL B 126 -34.26 60.80 31.28
C VAL B 126 -34.23 62.08 30.43
N PRO B 127 -33.98 62.09 29.10
CA PRO B 127 -34.36 63.31 28.37
C PRO B 127 -35.86 63.51 28.27
N GLY B 128 -36.66 62.45 28.29
CA GLY B 128 -38.11 62.62 28.34
C GLY B 128 -38.57 63.19 29.66
N THR B 129 -37.82 62.94 30.74
CA THR B 129 -38.11 63.53 32.03
C THR B 129 -37.68 64.99 32.07
N LEU B 130 -36.49 65.29 31.54
CA LEU B 130 -35.86 66.59 31.75
C LEU B 130 -36.51 67.66 30.89
N LEU B 131 -37.08 67.27 29.74
CA LEU B 131 -37.74 68.24 28.88
C LEU B 131 -39.10 68.65 29.43
N LEU B 132 -39.64 67.88 30.38
CA LEU B 132 -40.89 68.28 31.02
C LEU B 132 -40.63 69.26 32.16
N PHE B 133 -39.69 68.92 33.06
CA PHE B 133 -39.46 69.77 34.23
C PHE B 133 -38.74 71.05 33.89
N ARG B 134 -38.20 71.16 32.67
CA ARG B 134 -37.65 72.44 32.21
C ARG B 134 -38.75 73.36 31.70
N LYS B 135 -39.68 72.81 30.91
CA LYS B 135 -40.73 73.64 30.32
C LYS B 135 -41.84 73.95 31.33
N ARG B 136 -42.14 73.02 32.24
CA ARG B 136 -43.18 73.28 33.22
C ARG B 136 -42.71 74.25 34.30
N TRP B 137 -41.40 74.39 34.46
CA TRP B 137 -40.84 75.32 35.44
C TRP B 137 -40.97 76.76 34.96
N GLY C 1 27.15 -47.57 -18.51
CA GLY C 1 27.40 -47.62 -17.08
C GLY C 1 27.50 -46.24 -16.45
N PRO C 2 28.65 -45.59 -16.64
CA PRO C 2 28.80 -44.21 -16.12
C PRO C 2 27.92 -43.23 -16.87
N SER C 3 27.44 -42.23 -16.13
CA SER C 3 26.65 -41.14 -16.69
C SER C 3 27.47 -39.86 -16.64
N VAL C 4 27.28 -39.01 -17.65
CA VAL C 4 28.01 -37.76 -17.78
C VAL C 4 27.00 -36.62 -17.82
N PHE C 5 27.17 -35.63 -16.94
CA PHE C 5 26.38 -34.42 -16.96
C PHE C 5 27.31 -33.22 -17.10
N LEU C 6 26.82 -32.18 -17.77
CA LEU C 6 27.58 -30.96 -18.00
C LEU C 6 26.78 -29.76 -17.46
N PHE C 7 27.42 -28.95 -16.63
CA PHE C 7 26.74 -27.91 -15.87
C PHE C 7 27.28 -26.52 -16.21
N PRO C 8 26.39 -25.55 -16.41
CA PRO C 8 26.78 -24.19 -16.79
C PRO C 8 27.20 -23.39 -15.57
N PRO C 9 27.73 -22.17 -15.75
CA PRO C 9 28.05 -21.33 -14.59
C PRO C 9 26.82 -20.81 -13.88
N LYS C 10 27.07 -20.14 -12.76
CA LYS C 10 26.02 -19.46 -12.02
C LYS C 10 25.53 -18.25 -12.80
N PRO C 11 24.29 -17.82 -12.60
CA PRO C 11 23.81 -16.61 -13.27
C PRO C 11 24.36 -15.32 -12.73
N LYS C 12 25.16 -15.34 -11.68
CA LYS C 12 25.71 -14.15 -11.06
C LYS C 12 27.20 -14.01 -11.28
N ASP C 13 27.91 -15.12 -11.48
CA ASP C 13 29.36 -15.09 -11.64
C ASP C 13 29.78 -14.44 -12.95
N THR C 14 28.94 -14.47 -13.97
CA THR C 14 29.30 -13.88 -15.24
C THR C 14 28.96 -12.40 -15.32
N LEU C 15 28.26 -11.85 -14.34
CA LEU C 15 27.79 -10.48 -14.42
C LEU C 15 28.66 -9.49 -13.66
N MET C 16 29.56 -9.96 -12.81
CA MET C 16 30.48 -9.08 -12.09
C MET C 16 31.92 -9.47 -12.37
N ILE C 17 32.83 -8.51 -12.19
CA ILE C 17 34.24 -8.73 -12.54
C ILE C 17 35.07 -9.27 -11.39
N SER C 18 34.58 -9.22 -10.16
CA SER C 18 35.33 -9.69 -9.01
C SER C 18 34.93 -11.09 -8.59
N ARG C 19 34.46 -11.90 -9.53
CA ARG C 19 34.13 -13.30 -9.31
C ARG C 19 34.71 -14.13 -10.44
N THR C 20 34.48 -15.43 -10.40
CA THR C 20 35.09 -16.31 -11.37
C THR C 20 34.12 -17.38 -11.83
N PRO C 21 33.63 -17.32 -13.07
CA PRO C 21 32.76 -18.38 -13.57
C PRO C 21 33.53 -19.59 -14.02
N GLU C 22 32.81 -20.70 -14.16
CA GLU C 22 33.40 -21.99 -14.47
C GLU C 22 32.31 -22.96 -14.89
N VAL C 23 32.67 -23.91 -15.76
CA VAL C 23 31.77 -24.95 -16.21
C VAL C 23 32.24 -26.27 -15.62
N THR C 24 31.30 -27.22 -15.47
CA THR C 24 31.59 -28.41 -14.70
C THR C 24 31.20 -29.67 -15.47
N CYS C 25 32.09 -30.66 -15.49
CA CYS C 25 31.84 -31.92 -16.17
C CYS C 25 31.90 -33.05 -15.13
N VAL C 26 30.78 -33.72 -14.89
CA VAL C 26 30.64 -34.68 -13.80
C VAL C 26 30.31 -36.05 -14.36
N VAL C 27 31.08 -37.06 -13.94
CA VAL C 27 30.88 -38.45 -14.34
C VAL C 27 30.54 -39.27 -13.10
N VAL C 28 29.34 -39.83 -13.06
CA VAL C 28 28.93 -40.68 -11.95
C VAL C 28 28.83 -42.12 -12.44
N ASP C 29 28.63 -43.03 -11.48
CA ASP C 29 28.39 -44.46 -11.71
C ASP C 29 29.57 -45.14 -12.39
N VAL C 30 30.76 -44.91 -11.85
CA VAL C 30 31.96 -45.56 -12.32
C VAL C 30 32.15 -46.85 -11.54
N SER C 31 32.32 -47.97 -12.24
CA SER C 31 32.49 -49.26 -11.60
C SER C 31 33.89 -49.40 -11.02
N HIS C 32 34.05 -50.38 -10.13
CA HIS C 32 35.34 -50.62 -9.48
C HIS C 32 36.37 -51.21 -10.42
N GLU C 33 35.95 -51.83 -11.51
CA GLU C 33 36.87 -52.51 -12.41
C GLU C 33 37.63 -51.53 -13.30
N ASP C 34 36.96 -50.51 -13.82
CA ASP C 34 37.59 -49.50 -14.68
C ASP C 34 37.40 -48.12 -14.05
N PRO C 35 38.28 -47.72 -13.12
CA PRO C 35 38.19 -46.38 -12.53
C PRO C 35 38.99 -45.34 -13.31
N GLU C 36 39.39 -45.67 -14.53
CA GLU C 36 40.19 -44.77 -15.36
C GLU C 36 39.27 -43.87 -16.16
N VAL C 37 39.39 -42.56 -15.95
CA VAL C 37 38.54 -41.56 -16.60
C VAL C 37 39.44 -40.69 -17.46
N LYS C 38 39.08 -40.53 -18.74
CA LYS C 38 39.84 -39.70 -19.66
C LYS C 38 39.03 -38.48 -20.06
N PHE C 39 39.63 -37.30 -19.88
CA PHE C 39 38.97 -36.04 -20.19
C PHE C 39 39.63 -35.33 -21.36
N ASN C 40 38.81 -34.60 -22.13
CA ASN C 40 39.27 -33.64 -23.13
C ASN C 40 38.31 -32.46 -23.14
N TRP C 41 38.86 -31.24 -23.15
CA TRP C 41 38.05 -30.01 -23.11
C TRP C 41 38.24 -29.25 -24.42
N TYR C 42 37.23 -29.31 -25.28
CA TYR C 42 37.23 -28.58 -26.54
C TYR C 42 36.45 -27.28 -26.36
N VAL C 43 37.00 -26.19 -26.91
CA VAL C 43 36.33 -24.91 -27.00
C VAL C 43 36.34 -24.50 -28.46
N ASP C 44 35.17 -24.56 -29.11
CA ASP C 44 34.98 -24.27 -30.54
C ASP C 44 35.88 -25.13 -31.43
N GLY C 45 36.13 -26.37 -31.04
CA GLY C 45 37.05 -27.25 -31.73
C GLY C 45 38.45 -27.28 -31.14
N VAL C 46 38.95 -26.13 -30.69
CA VAL C 46 40.31 -26.04 -30.18
C VAL C 46 40.33 -26.64 -28.78
N GLU C 47 41.24 -27.59 -28.55
CA GLU C 47 41.31 -28.27 -27.28
C GLU C 47 42.31 -27.59 -26.35
N VAL C 48 41.86 -27.24 -25.16
CA VAL C 48 42.70 -26.55 -24.19
C VAL C 48 43.11 -27.54 -23.10
N HIS C 49 44.07 -27.13 -22.26
CA HIS C 49 44.66 -28.05 -21.30
C HIS C 49 44.86 -27.44 -19.91
N ASN C 50 44.00 -26.54 -19.45
CA ASN C 50 44.09 -26.01 -18.09
C ASN C 50 42.84 -26.29 -17.26
N ALA C 51 42.26 -27.47 -17.38
CA ALA C 51 41.15 -27.86 -16.52
C ALA C 51 41.71 -28.45 -15.23
N LYS C 52 40.85 -29.05 -14.41
CA LYS C 52 41.32 -29.62 -13.16
C LYS C 52 40.43 -30.79 -12.77
N THR C 53 41.06 -31.86 -12.29
CA THR C 53 40.39 -33.10 -11.94
C THR C 53 40.44 -33.32 -10.43
N LYS C 54 39.28 -33.44 -9.83
CA LYS C 54 39.19 -33.76 -8.40
C LYS C 54 39.19 -35.27 -8.21
N PRO C 55 39.64 -35.78 -7.06
CA PRO C 55 39.66 -37.23 -6.86
C PRO C 55 38.27 -37.82 -6.63
N ARG C 56 38.20 -39.13 -6.77
CA ARG C 56 36.93 -39.86 -6.73
C ARG C 56 36.41 -39.98 -5.30
N GLU C 57 35.23 -40.58 -5.17
CA GLU C 57 34.64 -40.86 -3.86
C GLU C 57 33.72 -42.06 -3.98
N GLU C 58 33.61 -42.80 -2.88
CA GLU C 58 32.84 -44.05 -2.83
C GLU C 58 31.38 -43.76 -2.47
N GLN C 59 30.47 -44.26 -3.29
CA GLN C 59 29.04 -44.07 -3.07
C GLN C 59 28.47 -45.27 -2.29
N TYR C 60 27.14 -45.35 -2.24
CA TYR C 60 26.48 -46.45 -1.54
C TYR C 60 26.60 -47.74 -2.33
N ASN C 61 26.11 -47.75 -3.56
CA ASN C 61 26.06 -48.96 -4.38
C ASN C 61 27.27 -49.12 -5.29
N SER C 62 28.47 -49.00 -4.68
CA SER C 62 29.75 -49.39 -5.29
C SER C 62 30.08 -48.59 -6.55
N THR C 63 29.67 -47.33 -6.57
CA THR C 63 29.92 -46.46 -7.71
C THR C 63 30.81 -45.30 -7.30
N TYR C 64 31.29 -44.56 -8.29
CA TYR C 64 32.17 -43.42 -8.05
C TYR C 64 31.60 -42.16 -8.69
N ARG C 65 32.29 -41.05 -8.39
CA ARG C 65 31.86 -39.72 -8.81
C ARG C 65 33.11 -38.89 -9.08
N VAL C 66 33.29 -38.48 -10.33
CA VAL C 66 34.47 -37.76 -10.78
C VAL C 66 34.04 -36.35 -11.19
N VAL C 67 34.74 -35.35 -10.68
CA VAL C 67 34.42 -33.94 -10.90
C VAL C 67 35.56 -33.28 -11.66
N SER C 68 35.22 -32.67 -12.80
CA SER C 68 36.18 -31.90 -13.59
C SER C 68 35.71 -30.47 -13.71
N VAL C 69 36.62 -29.52 -13.50
CA VAL C 69 36.29 -28.10 -13.39
C VAL C 69 37.11 -27.33 -14.41
N LEU C 70 36.45 -26.49 -15.21
CA LEU C 70 37.15 -25.57 -16.11
C LEU C 70 36.70 -24.14 -15.87
N THR C 71 37.63 -23.26 -15.58
CA THR C 71 37.31 -21.84 -15.42
C THR C 71 37.23 -21.17 -16.78
N VAL C 72 36.27 -20.26 -16.91
CA VAL C 72 36.06 -19.53 -18.16
C VAL C 72 36.24 -18.05 -17.91
N LEU C 73 36.15 -17.25 -18.96
CA LEU C 73 36.24 -15.80 -18.84
C LEU C 73 34.87 -15.18 -18.91
N HIS C 74 34.78 -13.90 -18.51
CA HIS C 74 33.48 -13.27 -18.34
C HIS C 74 32.85 -12.90 -19.67
N GLN C 75 33.64 -12.52 -20.66
CA GLN C 75 33.12 -12.08 -21.94
C GLN C 75 33.16 -13.16 -23.00
N ASP C 76 33.75 -14.32 -22.70
CA ASP C 76 33.67 -15.44 -23.63
C ASP C 76 32.35 -16.18 -23.48
N TRP C 77 31.79 -16.18 -22.27
CA TRP C 77 30.49 -16.82 -22.07
C TRP C 77 29.38 -15.98 -22.64
N LEU C 78 29.48 -14.66 -22.55
CA LEU C 78 28.37 -13.80 -22.93
C LEU C 78 28.24 -13.60 -24.43
N ASN C 79 28.90 -14.41 -25.26
CA ASN C 79 28.85 -14.27 -26.70
C ASN C 79 28.28 -15.48 -27.43
N GLY C 80 28.53 -16.69 -26.93
CA GLY C 80 27.97 -17.87 -27.56
C GLY C 80 28.97 -18.91 -28.02
N LYS C 81 30.13 -18.98 -27.37
CA LYS C 81 31.05 -20.07 -27.63
C LYS C 81 30.50 -21.36 -27.04
N GLU C 82 30.95 -22.49 -27.59
CA GLU C 82 30.42 -23.79 -27.23
C GLU C 82 31.47 -24.60 -26.49
N TYR C 83 31.05 -25.34 -25.47
CA TYR C 83 31.96 -26.04 -24.58
C TYR C 83 31.70 -27.53 -24.64
N LYS C 84 32.77 -28.30 -24.91
CA LYS C 84 32.67 -29.73 -25.09
C LYS C 84 33.56 -30.45 -24.08
N CYS C 85 32.96 -31.35 -23.33
CA CYS C 85 33.67 -32.29 -22.46
C CYS C 85 33.58 -33.66 -23.09
N LYS C 86 34.73 -34.32 -23.24
CA LYS C 86 34.81 -35.63 -23.86
C LYS C 86 35.41 -36.60 -22.86
N VAL C 87 34.64 -37.64 -22.53
CA VAL C 87 35.01 -38.63 -21.53
C VAL C 87 35.24 -39.95 -22.24
N SER C 88 36.42 -40.52 -22.06
CA SER C 88 36.74 -41.84 -22.59
C SER C 88 36.92 -42.80 -21.43
N ASN C 89 36.31 -43.98 -21.55
CA ASN C 89 36.32 -45.00 -20.52
C ASN C 89 36.68 -46.33 -21.18
N LYS C 90 37.43 -47.16 -20.45
CA LYS C 90 37.71 -48.51 -20.92
C LYS C 90 36.46 -49.38 -20.84
N ALA C 91 35.56 -49.08 -19.90
CA ALA C 91 34.34 -49.86 -19.76
C ALA C 91 33.32 -49.49 -20.85
N LEU C 92 33.14 -48.20 -21.08
CA LEU C 92 32.21 -47.75 -22.11
C LEU C 92 32.84 -47.94 -23.49
N PRO C 93 32.15 -48.58 -24.43
CA PRO C 93 32.77 -48.91 -25.72
C PRO C 93 33.02 -47.70 -26.61
N ALA C 94 32.39 -46.57 -26.33
CA ALA C 94 32.53 -45.37 -27.13
C ALA C 94 32.76 -44.17 -26.21
N PRO C 95 33.54 -43.18 -26.66
CA PRO C 95 33.67 -41.95 -25.88
C PRO C 95 32.39 -41.13 -25.91
N ILE C 96 32.25 -40.27 -24.91
CA ILE C 96 31.04 -39.50 -24.67
C ILE C 96 31.36 -38.02 -24.85
N GLU C 97 30.49 -37.31 -25.57
CA GLU C 97 30.65 -35.88 -25.82
C GLU C 97 29.46 -35.12 -25.27
N LYS C 98 29.72 -34.02 -24.56
CA LYS C 98 28.67 -33.13 -24.10
C LYS C 98 29.07 -31.70 -24.40
N THR C 99 28.09 -30.87 -24.78
CA THR C 99 28.32 -29.46 -25.11
C THR C 99 27.29 -28.58 -24.42
N ILE C 100 27.72 -27.38 -24.02
CA ILE C 100 26.82 -26.34 -23.52
C ILE C 100 27.19 -25.00 -24.12
N SER C 101 26.20 -24.10 -24.14
CA SER C 101 26.35 -22.73 -24.63
C SER C 101 25.24 -21.89 -24.04
N LYS C 102 25.15 -20.64 -24.45
CA LYS C 102 24.11 -19.73 -24.00
C LYS C 102 22.96 -19.77 -24.99
N ALA C 103 21.74 -19.54 -24.49
CA ALA C 103 20.54 -19.56 -25.34
C ALA C 103 20.53 -18.39 -26.31
N LYS C 104 20.11 -18.66 -27.54
CA LYS C 104 20.27 -17.74 -28.65
C LYS C 104 19.06 -16.82 -28.79
N GLY C 105 19.33 -15.58 -29.19
CA GLY C 105 18.27 -14.62 -29.40
C GLY C 105 18.63 -13.19 -29.01
N GLN C 106 17.70 -12.28 -29.25
CA GLN C 106 17.89 -10.86 -28.95
C GLN C 106 17.46 -10.57 -27.52
N PRO C 107 18.33 -10.02 -26.69
CA PRO C 107 17.97 -9.80 -25.28
C PRO C 107 16.99 -8.65 -25.08
N ARG C 108 16.22 -8.75 -23.99
CA ARG C 108 15.31 -7.70 -23.57
C ARG C 108 15.51 -7.44 -22.09
N GLU C 109 15.21 -6.18 -21.63
CA GLU C 109 15.56 -5.96 -20.23
C GLU C 109 14.33 -6.06 -19.34
N PRO C 110 14.47 -6.41 -18.06
CA PRO C 110 13.30 -6.62 -17.22
C PRO C 110 12.71 -5.33 -16.67
N GLN C 111 11.56 -5.47 -16.02
CA GLN C 111 10.82 -4.38 -15.42
C GLN C 111 10.39 -4.78 -14.03
N VAL C 112 10.67 -3.95 -13.05
CA VAL C 112 10.68 -4.32 -11.64
C VAL C 112 9.63 -3.49 -10.92
N TYR C 113 8.79 -4.15 -10.11
CA TYR C 113 7.66 -3.49 -9.46
C TYR C 113 7.57 -4.02 -8.05
N THR C 114 7.68 -3.16 -7.05
CA THR C 114 7.46 -3.56 -5.67
C THR C 114 6.01 -3.33 -5.29
N LEU C 115 5.46 -4.24 -4.48
CA LEU C 115 4.05 -4.22 -4.15
C LEU C 115 3.88 -4.39 -2.64
N PRO C 116 3.14 -3.47 -2.00
CA PRO C 116 2.98 -3.48 -0.53
C PRO C 116 1.92 -4.47 -0.06
N PRO C 117 1.77 -4.70 1.25
CA PRO C 117 0.81 -5.71 1.72
C PRO C 117 -0.66 -5.39 1.47
N SER C 118 -1.44 -6.45 1.42
CA SER C 118 -2.89 -6.33 1.41
C SER C 118 -3.39 -5.84 2.75
N ARG C 119 -4.56 -5.20 2.73
CA ARG C 119 -5.11 -4.65 3.96
C ARG C 119 -5.75 -5.69 4.85
N ASP C 120 -6.07 -6.87 4.32
CA ASP C 120 -6.60 -7.98 5.08
C ASP C 120 -5.51 -8.82 5.72
N GLU C 121 -4.26 -8.54 5.42
CA GLU C 121 -3.14 -9.26 5.99
C GLU C 121 -2.63 -8.57 7.24
N LEU C 122 -3.06 -7.34 7.50
CA LEU C 122 -2.61 -6.61 8.66
C LEU C 122 -3.31 -7.01 9.95
N THR C 123 -3.96 -8.17 10.01
CA THR C 123 -4.47 -8.71 11.27
C THR C 123 -3.70 -9.95 11.70
N LYS C 124 -2.56 -10.23 11.08
CA LYS C 124 -1.71 -11.36 11.40
C LYS C 124 -0.44 -10.85 12.08
N ASN C 125 0.50 -11.75 12.36
CA ASN C 125 1.73 -11.35 13.03
C ASN C 125 2.90 -11.20 12.11
N GLN C 126 2.73 -11.50 10.81
CA GLN C 126 3.76 -11.42 9.79
C GLN C 126 3.14 -11.06 8.48
N VAL C 127 3.81 -10.20 7.72
CA VAL C 127 3.31 -9.71 6.44
C VAL C 127 4.31 -10.03 5.35
N SER C 128 3.80 -10.04 4.11
CA SER C 128 4.57 -10.44 2.93
C SER C 128 4.75 -9.27 1.99
N LEU C 129 5.98 -9.04 1.55
CA LEU C 129 6.33 -7.99 0.61
C LEU C 129 6.69 -8.62 -0.73
N THR C 130 6.25 -8.00 -1.85
CA THR C 130 6.28 -8.68 -3.15
C THR C 130 7.07 -7.89 -4.20
N CYS C 131 7.88 -8.58 -5.03
CA CYS C 131 8.65 -7.96 -6.11
C CYS C 131 8.36 -8.72 -7.40
N LEU C 132 7.77 -8.04 -8.40
CA LEU C 132 7.44 -8.61 -9.71
C LEU C 132 8.45 -8.17 -10.76
N VAL C 133 9.03 -9.13 -11.46
CA VAL C 133 10.04 -8.86 -12.49
C VAL C 133 9.54 -9.47 -13.79
N LYS C 134 9.38 -8.65 -14.82
CA LYS C 134 8.72 -9.17 -16.01
C LYS C 134 9.39 -8.69 -17.29
N GLY C 135 9.27 -9.50 -18.33
CA GLY C 135 9.57 -9.07 -19.67
C GLY C 135 11.00 -9.18 -20.14
N PHE C 136 11.72 -10.23 -19.77
CA PHE C 136 13.15 -10.36 -20.02
C PHE C 136 13.47 -11.64 -20.79
N TYR C 137 14.66 -11.70 -21.34
CA TYR C 137 15.14 -12.80 -22.17
C TYR C 137 16.65 -12.71 -22.31
N PRO C 138 17.43 -13.75 -22.03
CA PRO C 138 17.14 -15.12 -21.57
C PRO C 138 16.71 -15.18 -20.13
N SER C 139 16.62 -16.38 -19.57
CA SER C 139 16.03 -16.57 -18.25
C SER C 139 17.07 -16.55 -17.14
N ASP C 140 18.17 -15.82 -17.29
CA ASP C 140 19.23 -15.76 -16.30
C ASP C 140 19.18 -14.42 -15.58
N ILE C 141 19.15 -14.46 -14.25
CA ILE C 141 18.67 -13.34 -13.45
C ILE C 141 19.15 -13.60 -12.03
N ALA C 142 19.28 -12.54 -11.23
CA ALA C 142 19.53 -12.72 -9.81
C ALA C 142 18.77 -11.67 -9.03
N VAL C 143 18.10 -12.09 -7.95
CA VAL C 143 17.22 -11.22 -7.17
C VAL C 143 17.60 -11.35 -5.70
N GLU C 144 17.84 -10.21 -5.03
CA GLU C 144 18.19 -10.19 -3.61
C GLU C 144 17.39 -9.10 -2.90
N TRP C 145 17.36 -9.17 -1.57
CA TRP C 145 16.65 -8.23 -0.72
C TRP C 145 17.57 -7.68 0.35
N GLU C 146 17.35 -6.43 0.78
CA GLU C 146 18.13 -5.91 1.90
C GLU C 146 17.45 -4.71 2.58
N SER C 147 18.06 -4.26 3.68
CA SER C 147 17.56 -3.14 4.47
C SER C 147 18.67 -2.58 5.33
N ASN C 148 18.82 -1.25 5.32
CA ASN C 148 19.92 -0.51 5.97
C ASN C 148 21.30 -0.96 5.51
N GLY C 149 21.45 -1.38 4.27
CA GLY C 149 22.77 -1.79 3.83
C GLY C 149 23.21 -3.15 4.29
N GLN C 150 22.39 -3.87 5.06
CA GLN C 150 22.65 -5.22 5.53
C GLN C 150 21.60 -6.15 4.94
N PRO C 151 21.95 -7.40 4.64
CA PRO C 151 21.00 -8.26 3.93
C PRO C 151 19.95 -8.91 4.82
N GLU C 152 18.81 -9.20 4.19
CA GLU C 152 17.70 -9.93 4.77
C GLU C 152 17.69 -11.33 4.17
N ASN C 153 17.23 -12.31 4.95
CA ASN C 153 17.43 -13.69 4.54
C ASN C 153 16.16 -14.50 4.31
N ASN C 154 15.00 -14.04 4.75
CA ASN C 154 13.79 -14.85 4.74
C ASN C 154 12.96 -14.55 3.49
N TYR C 155 13.48 -14.93 2.31
CA TYR C 155 12.81 -14.71 1.04
C TYR C 155 12.86 -15.97 0.19
N LYS C 156 11.93 -16.07 -0.78
CA LYS C 156 11.91 -17.15 -1.77
C LYS C 156 11.61 -16.58 -3.15
N THR C 157 11.98 -17.31 -4.20
CA THR C 157 11.73 -16.91 -5.57
C THR C 157 11.17 -18.09 -6.37
N THR C 158 10.18 -17.83 -7.23
CA THR C 158 9.62 -18.82 -8.13
C THR C 158 10.56 -19.02 -9.33
N PRO C 159 10.39 -20.11 -10.10
CA PRO C 159 11.14 -20.24 -11.37
C PRO C 159 10.62 -19.29 -12.43
N PRO C 160 11.38 -19.05 -13.51
CA PRO C 160 10.87 -18.20 -14.58
C PRO C 160 9.77 -18.89 -15.39
N VAL C 161 8.68 -18.16 -15.62
CA VAL C 161 7.47 -18.71 -16.19
C VAL C 161 7.27 -18.12 -17.58
N LEU C 162 7.09 -18.97 -18.58
CA LEU C 162 7.06 -18.51 -19.95
C LEU C 162 5.74 -17.82 -20.27
N ASP C 163 5.83 -16.67 -20.88
CA ASP C 163 4.68 -15.79 -21.03
C ASP C 163 4.04 -16.04 -22.39
N SER C 164 3.13 -15.16 -22.79
CA SER C 164 2.39 -15.36 -24.03
C SER C 164 3.15 -14.91 -25.27
N ASP C 165 4.33 -14.31 -25.13
CA ASP C 165 4.98 -13.72 -26.28
C ASP C 165 6.50 -13.93 -26.27
N GLY C 166 6.96 -15.05 -25.73
CA GLY C 166 8.36 -15.42 -25.88
C GLY C 166 9.29 -14.88 -24.83
N SER C 167 8.77 -14.32 -23.76
CA SER C 167 9.52 -13.76 -22.66
C SER C 167 9.10 -14.45 -21.37
N PHE C 168 9.58 -13.93 -20.25
CA PHE C 168 9.58 -14.63 -18.98
C PHE C 168 9.14 -13.67 -17.89
N PHE C 169 8.68 -14.22 -16.75
CA PHE C 169 8.44 -13.42 -15.56
C PHE C 169 8.69 -14.26 -14.33
N LEU C 170 8.79 -13.59 -13.18
CA LEU C 170 8.91 -14.26 -11.88
C LEU C 170 8.48 -13.29 -10.79
N TYR C 171 8.18 -13.84 -9.60
CA TYR C 171 8.03 -13.01 -8.43
C TYR C 171 8.88 -13.52 -7.28
N SER C 172 9.12 -12.62 -6.33
CA SER C 172 9.88 -12.91 -5.11
C SER C 172 9.11 -12.40 -3.90
N LYS C 173 9.20 -13.13 -2.78
CA LYS C 173 8.43 -12.80 -1.58
C LYS C 173 9.34 -12.78 -0.35
N LEU C 174 9.22 -11.72 0.45
CA LEU C 174 9.91 -11.57 1.73
C LEU C 174 8.90 -11.54 2.87
N THR C 175 9.18 -12.23 3.97
CA THR C 175 8.32 -12.22 5.14
C THR C 175 8.96 -11.45 6.29
N VAL C 176 8.29 -10.41 6.77
CA VAL C 176 8.81 -9.66 7.91
C VAL C 176 7.73 -9.62 8.98
N ASP C 177 8.12 -9.19 10.18
CA ASP C 177 7.20 -8.98 11.29
C ASP C 177 6.23 -7.86 10.99
N LYS C 178 5.14 -7.79 11.74
CA LYS C 178 4.24 -6.68 11.52
C LYS C 178 4.79 -5.42 12.17
N SER C 179 5.62 -5.60 13.20
CA SER C 179 6.21 -4.48 13.92
C SER C 179 7.14 -3.67 13.04
N ARG C 180 7.97 -4.35 12.25
CA ARG C 180 8.97 -3.63 11.51
C ARG C 180 8.37 -2.84 10.35
N TRP C 181 7.34 -3.38 9.70
CA TRP C 181 6.68 -2.63 8.63
C TRP C 181 5.86 -1.49 9.19
N GLN C 182 5.11 -1.71 10.26
CA GLN C 182 4.23 -0.69 10.84
C GLN C 182 4.96 0.51 11.44
N GLN C 183 6.25 0.40 11.75
CA GLN C 183 7.04 1.46 12.38
C GLN C 183 7.89 2.26 11.43
N GLY C 184 7.83 2.05 10.13
CA GLY C 184 8.45 2.93 9.18
C GLY C 184 9.80 2.55 8.59
N ASN C 185 10.14 1.27 8.51
CA ASN C 185 11.40 0.81 7.95
C ASN C 185 11.30 0.62 6.43
N VAL C 186 12.45 0.75 5.74
CA VAL C 186 12.51 0.78 4.28
C VAL C 186 13.27 -0.44 3.76
N PHE C 187 12.72 -1.10 2.73
CA PHE C 187 13.21 -2.40 2.23
C PHE C 187 13.50 -2.30 0.74
N SER C 188 14.56 -2.95 0.27
CA SER C 188 15.02 -2.81 -1.12
C SER C 188 15.13 -4.13 -1.85
N CYS C 189 14.61 -4.17 -3.08
CA CYS C 189 14.71 -5.29 -4.02
C CYS C 189 15.78 -4.95 -5.05
N SER C 190 16.79 -5.82 -5.20
CA SER C 190 17.93 -5.60 -6.08
C SER C 190 18.02 -6.69 -7.14
N VAL C 191 18.12 -6.29 -8.41
CA VAL C 191 18.04 -7.21 -9.55
C VAL C 191 19.28 -7.09 -10.40
N MET C 192 19.79 -8.23 -10.90
CA MET C 192 20.95 -8.31 -11.78
C MET C 192 20.65 -9.15 -13.01
N HIS C 193 20.75 -8.55 -14.19
CA HIS C 193 20.48 -9.21 -15.46
C HIS C 193 21.42 -8.61 -16.49
N GLU C 194 21.64 -9.30 -17.61
CA GLU C 194 22.68 -8.86 -18.53
C GLU C 194 22.26 -7.74 -19.46
N ALA C 195 20.96 -7.48 -19.64
CA ALA C 195 20.55 -6.44 -20.56
C ALA C 195 20.18 -5.16 -19.84
N LEU C 196 20.49 -5.06 -18.56
CA LEU C 196 20.32 -3.83 -17.80
C LEU C 196 21.54 -2.93 -17.97
N HIS C 197 21.44 -1.75 -17.39
CA HIS C 197 22.47 -0.71 -17.45
C HIS C 197 23.40 -0.88 -16.25
N ASN C 198 24.65 -1.25 -16.52
CA ASN C 198 25.69 -1.64 -15.56
C ASN C 198 25.31 -2.87 -14.74
N HIS C 199 24.43 -3.72 -15.28
CA HIS C 199 24.01 -5.01 -14.73
C HIS C 199 23.31 -4.92 -13.36
N TYR C 200 22.64 -3.82 -13.02
CA TYR C 200 22.09 -3.70 -11.67
C TYR C 200 20.93 -2.75 -11.65
N THR C 201 19.99 -2.97 -10.71
CA THR C 201 19.02 -1.94 -10.31
C THR C 201 18.44 -2.24 -8.93
N GLN C 202 17.83 -1.21 -8.32
CA GLN C 202 17.18 -1.27 -7.03
C GLN C 202 15.82 -0.60 -7.06
N LYS C 203 14.89 -1.07 -6.22
CA LYS C 203 13.63 -0.39 -5.96
C LYS C 203 13.37 -0.48 -4.47
N SER C 204 12.69 0.52 -3.91
CA SER C 204 12.42 0.58 -2.48
C SER C 204 10.94 0.40 -2.15
N LEU C 205 10.65 0.17 -0.87
CA LEU C 205 9.29 -0.05 -0.37
C LEU C 205 9.22 0.35 1.09
N SER C 206 8.28 1.22 1.43
CA SER C 206 7.94 1.62 2.79
C SER C 206 6.53 2.24 2.80
N LEU C 207 6.22 2.94 3.89
CA LEU C 207 4.91 3.45 4.25
C LEU C 207 4.90 4.97 4.04
N SER C 208 3.73 5.58 3.85
CA SER C 208 3.61 6.98 3.43
C SER C 208 2.78 7.88 4.36
N PRO C 209 2.96 9.22 4.31
CA PRO C 209 2.11 10.14 5.08
C PRO C 209 0.63 10.09 4.70
N GLU C 210 -0.21 10.69 5.54
CA GLU C 210 -1.66 10.65 5.34
C GLU C 210 -2.32 11.96 5.71
N LEU C 211 -3.59 12.08 5.33
CA LEU C 211 -4.45 13.20 5.67
C LEU C 211 -5.72 12.65 6.30
N GLN C 212 -6.54 13.55 6.83
CA GLN C 212 -7.84 13.18 7.38
C GLN C 212 -8.68 14.45 7.35
N LEU C 213 -9.55 14.57 6.37
CA LEU C 213 -10.32 15.78 6.13
C LEU C 213 -11.80 15.53 6.42
N GLU C 214 -12.60 16.59 6.53
CA GLU C 214 -14.01 16.39 6.88
C GLU C 214 -14.88 16.96 5.77
N GLU C 215 -16.11 16.47 5.70
CA GLU C 215 -16.82 16.21 4.45
C GLU C 215 -17.14 17.42 3.60
N SER C 216 -18.12 18.22 3.99
CA SER C 216 -18.68 19.18 3.04
C SER C 216 -19.67 20.07 3.77
N CYS C 217 -19.82 21.27 3.25
CA CYS C 217 -20.66 22.29 3.86
C CYS C 217 -21.45 23.06 2.81
N ALA C 218 -21.76 22.43 1.67
CA ALA C 218 -22.37 23.11 0.54
C ALA C 218 -23.83 22.74 0.33
N GLU C 219 -24.36 21.73 1.02
CA GLU C 219 -25.75 21.36 0.87
C GLU C 219 -26.56 21.74 2.10
N ALA C 220 -26.19 21.22 3.28
CA ALA C 220 -26.69 21.73 4.54
C ALA C 220 -25.83 22.91 4.96
N GLN C 221 -26.37 23.77 5.80
CA GLN C 221 -25.72 25.05 6.07
C GLN C 221 -25.20 25.20 7.49
N ASP C 222 -26.06 25.34 8.49
CA ASP C 222 -25.65 25.79 9.81
C ASP C 222 -26.89 25.68 10.68
N GLY C 223 -26.90 26.29 11.85
CA GLY C 223 -28.15 26.42 12.55
C GLY C 223 -28.07 26.42 14.05
N GLU C 224 -26.93 26.02 14.61
CA GLU C 224 -26.73 26.24 16.04
C GLU C 224 -26.21 27.62 16.32
N LEU C 225 -25.92 28.40 15.27
CA LEU C 225 -25.42 29.76 15.37
C LEU C 225 -26.25 30.75 14.57
N ASP C 226 -26.97 30.31 13.54
CA ASP C 226 -27.88 31.19 12.83
C ASP C 226 -29.20 31.40 13.56
N GLY C 227 -29.61 30.41 14.36
CA GLY C 227 -30.84 30.57 15.12
C GLY C 227 -30.76 31.62 16.20
N LEU C 228 -29.59 31.79 16.80
CA LEU C 228 -29.41 32.83 17.80
C LEU C 228 -29.47 34.22 17.18
N TRP C 229 -28.90 34.40 15.99
CA TRP C 229 -28.93 35.72 15.40
C TRP C 229 -30.29 36.04 14.80
N THR C 230 -31.01 35.04 14.28
CA THR C 230 -32.37 35.32 13.84
C THR C 230 -33.36 35.46 14.99
N THR C 231 -33.07 34.96 16.18
CA THR C 231 -33.93 35.30 17.30
C THR C 231 -33.41 36.46 18.11
N ILE C 232 -32.33 37.11 17.69
CA ILE C 232 -31.85 38.28 18.42
C ILE C 232 -31.95 39.56 17.57
N THR C 233 -32.11 39.47 16.24
CA THR C 233 -32.40 40.68 15.48
C THR C 233 -33.87 41.13 15.60
N ILE C 234 -34.76 40.21 16.00
CA ILE C 234 -36.17 40.53 16.18
C ILE C 234 -36.36 41.53 17.31
N PHE C 235 -35.84 41.20 18.49
CA PHE C 235 -36.02 42.06 19.65
C PHE C 235 -35.24 43.37 19.53
N ILE C 236 -34.20 43.40 18.69
CA ILE C 236 -33.63 44.66 18.23
C ILE C 236 -34.69 45.49 17.52
N THR C 237 -35.41 44.88 16.57
CA THR C 237 -36.37 45.63 15.77
C THR C 237 -37.51 46.18 16.63
N LEU C 238 -38.07 45.33 17.49
CA LEU C 238 -39.18 45.75 18.35
C LEU C 238 -38.72 46.77 19.38
N PHE C 239 -37.52 46.59 19.92
CA PHE C 239 -37.00 47.53 20.92
C PHE C 239 -36.77 48.91 20.32
N LEU C 240 -36.18 48.97 19.13
CA LEU C 240 -35.93 50.25 18.49
C LEU C 240 -37.21 50.94 18.05
N LEU C 241 -38.22 50.17 17.64
CA LEU C 241 -39.53 50.77 17.36
C LEU C 241 -40.15 51.38 18.60
N SER C 242 -40.05 50.68 19.74
CA SER C 242 -40.70 51.20 20.94
C SER C 242 -39.98 52.42 21.49
N VAL C 243 -38.65 52.44 21.45
CA VAL C 243 -37.97 53.60 22.04
C VAL C 243 -38.04 54.81 21.10
N CYS C 244 -38.08 54.60 19.77
CA CYS C 244 -38.23 55.76 18.92
C CYS C 244 -39.67 56.29 18.97
N TYR C 245 -40.63 55.39 19.19
CA TYR C 245 -42.01 55.83 19.39
C TYR C 245 -42.16 56.60 20.69
N SER C 246 -41.44 56.19 21.74
CA SER C 246 -41.48 56.97 22.98
C SER C 246 -40.80 58.32 22.80
N ALA C 247 -39.79 58.38 21.93
CA ALA C 247 -39.23 59.69 21.63
C ALA C 247 -40.07 60.49 20.64
N THR C 248 -41.14 59.91 20.09
CA THR C 248 -41.97 60.70 19.20
C THR C 248 -42.93 61.64 19.95
N VAL C 249 -43.46 61.21 21.09
CA VAL C 249 -44.51 61.98 21.76
C VAL C 249 -43.93 63.17 22.51
N THR C 250 -42.61 63.17 22.76
CA THR C 250 -42.01 64.32 23.42
C THR C 250 -41.80 65.47 22.45
N PHE C 251 -41.91 65.20 21.14
CA PHE C 251 -41.82 66.26 20.15
C PHE C 251 -43.17 66.96 19.99
N PHE C 252 -44.26 66.23 20.23
CA PHE C 252 -45.59 66.79 20.15
C PHE C 252 -46.56 65.99 21.04
N SER D 1 11.61 6.56 11.88
CA SER D 1 11.67 5.15 11.48
C SER D 1 12.09 4.20 12.60
N ARG D 2 12.13 4.63 13.87
CA ARG D 2 11.86 3.76 15.01
C ARG D 2 10.60 4.18 15.76
N ILE D 3 10.34 5.47 15.86
CA ILE D 3 9.01 6.00 16.16
C ILE D 3 8.33 6.29 14.83
N TRP D 4 6.99 6.25 14.78
CA TRP D 4 6.26 6.68 13.59
C TRP D 4 4.87 7.14 13.99
N GLN D 5 4.59 8.43 13.81
CA GLN D 5 3.28 8.97 14.13
C GLN D 5 2.40 9.06 12.91
N SER D 6 1.09 8.98 13.12
CA SER D 6 0.16 9.19 12.02
C SER D 6 -1.11 9.83 12.55
N PRO D 7 -1.80 10.67 11.74
CA PRO D 7 -1.51 11.15 10.39
C PRO D 7 -0.63 12.38 10.40
N ARG D 8 -0.66 13.18 9.35
CA ARG D 8 0.12 14.40 9.28
C ARG D 8 -0.74 15.66 9.39
N PHE D 9 -2.05 15.55 9.24
CA PHE D 9 -2.95 16.70 9.18
C PHE D 9 -4.35 16.20 9.42
N ILE D 10 -5.08 16.80 10.37
CA ILE D 10 -6.49 16.53 10.65
C ILE D 10 -7.26 17.82 10.44
N ALA D 11 -8.54 17.71 10.07
CA ALA D 11 -9.40 18.90 10.00
C ALA D 11 -10.85 18.54 10.35
N ARG D 12 -11.19 18.58 11.64
CA ARG D 12 -12.56 18.31 12.08
C ARG D 12 -13.34 19.59 12.29
N LYS D 13 -14.61 19.43 12.59
CA LYS D 13 -15.46 20.55 12.93
C LYS D 13 -15.58 20.71 14.43
N ARG D 14 -16.32 21.71 14.83
CA ARG D 14 -16.39 22.14 16.20
C ARG D 14 -17.28 21.19 16.98
N GLY D 15 -16.79 20.63 18.07
CA GLY D 15 -17.58 19.76 18.91
C GLY D 15 -17.27 18.28 18.80
N PHE D 16 -16.43 17.85 17.88
CA PHE D 16 -16.20 16.43 17.61
C PHE D 16 -15.01 15.91 18.40
N THR D 17 -14.51 14.74 18.05
CA THR D 17 -13.48 14.01 18.81
C THR D 17 -12.35 13.59 17.89
N VAL D 18 -11.09 13.84 18.29
CA VAL D 18 -9.95 13.41 17.48
C VAL D 18 -9.09 12.43 18.26
N LYS D 19 -8.41 11.55 17.53
CA LYS D 19 -7.43 10.60 18.06
C LYS D 19 -6.13 10.66 17.29
N MET D 20 -5.01 10.50 18.01
CA MET D 20 -3.66 10.53 17.45
C MET D 20 -2.87 9.33 17.93
N HIS D 21 -1.98 8.82 17.06
CA HIS D 21 -1.31 7.53 17.25
C HIS D 21 0.19 7.67 17.13
N CYS D 22 0.92 6.69 17.67
CA CYS D 22 2.38 6.72 17.70
C CYS D 22 2.87 5.28 17.85
N TYR D 23 3.52 4.75 16.81
CA TYR D 23 3.94 3.35 16.75
C TYR D 23 5.37 3.19 17.19
N MET D 24 5.57 2.49 18.28
CA MET D 24 6.85 2.35 18.92
C MET D 24 6.83 0.97 19.56
N ASN D 25 7.92 0.49 20.12
CA ASN D 25 7.85 -0.76 20.88
C ASN D 25 8.08 -0.48 22.36
N SER D 26 7.00 -0.60 23.13
CA SER D 26 6.98 -0.15 24.51
C SER D 26 7.67 -1.11 25.46
N ALA D 27 8.96 -1.29 25.29
CA ALA D 27 9.82 -1.90 26.28
C ALA D 27 11.10 -1.09 26.37
N SER D 28 10.99 0.20 26.09
CA SER D 28 12.13 1.11 26.07
C SER D 28 11.57 2.49 26.43
N GLY D 29 11.64 2.86 27.70
CA GLY D 29 11.22 4.18 28.10
C GLY D 29 9.72 4.38 28.01
N ASN D 30 9.29 5.60 28.28
CA ASN D 30 7.87 5.93 28.25
C ASN D 30 7.65 7.11 27.33
N VAL D 31 6.58 7.04 26.55
CA VAL D 31 6.23 8.09 25.60
C VAL D 31 5.57 9.22 26.37
N SER D 32 5.99 10.45 26.10
CA SER D 32 5.30 11.63 26.58
C SER D 32 4.95 12.54 25.41
N TRP D 33 3.93 13.36 25.59
CA TRP D 33 3.35 14.20 24.55
C TRP D 33 3.71 15.66 24.77
N LEU D 34 3.82 16.43 23.68
CA LEU D 34 4.26 17.82 23.70
C LEU D 34 3.44 18.61 22.70
N TRP D 35 3.40 19.92 22.91
CA TRP D 35 2.54 20.81 22.13
C TRP D 35 3.30 22.05 21.72
N LYS D 36 3.36 22.31 20.43
CA LYS D 36 3.93 23.53 19.87
C LYS D 36 2.81 24.32 19.21
N GLN D 37 2.82 25.62 19.41
CA GLN D 37 1.76 26.47 18.88
C GLN D 37 2.38 27.43 17.86
N GLU D 38 1.57 28.33 17.31
CA GLU D 38 2.06 29.27 16.31
C GLU D 38 3.05 30.26 16.90
N MET D 39 2.86 30.64 18.17
CA MET D 39 3.71 31.61 18.85
C MET D 39 4.81 30.98 19.69
N ASP D 40 5.11 29.70 19.48
CA ASP D 40 6.20 29.07 20.21
C ASP D 40 7.40 28.83 19.30
N GLU D 41 8.49 28.46 19.93
CA GLU D 41 9.75 28.18 19.25
C GLU D 41 10.25 26.79 19.56
N ASN D 42 10.17 26.38 20.82
CA ASN D 42 10.42 25.03 21.26
C ASN D 42 9.16 24.48 21.92
N PRO D 43 8.85 23.21 21.72
CA PRO D 43 7.60 22.67 22.24
C PRO D 43 7.65 22.52 23.74
N GLN D 44 6.49 22.65 24.37
CA GLN D 44 6.36 22.51 25.81
C GLN D 44 5.67 21.21 26.19
N GLN D 45 5.84 20.84 27.45
CA GLN D 45 5.13 19.74 28.05
C GLN D 45 3.64 20.05 28.09
N LEU D 46 2.82 19.03 27.88
CA LEU D 46 1.38 19.20 27.72
C LEU D 46 0.66 18.96 29.03
N LYS D 47 -0.30 19.82 29.34
CA LYS D 47 -1.13 19.70 30.54
C LYS D 47 -2.46 19.08 30.17
N LEU D 48 -2.77 17.94 30.78
CA LEU D 48 -3.98 17.20 30.44
C LEU D 48 -5.14 17.64 31.33
N GLU D 49 -6.16 18.22 30.71
CA GLU D 49 -7.40 18.54 31.40
C GLU D 49 -8.15 17.26 31.69
N LYS D 50 -8.47 17.02 32.96
CA LYS D 50 -9.12 15.77 33.33
C LYS D 50 -10.56 15.74 32.83
N GLY D 51 -10.95 14.60 32.30
CA GLY D 51 -12.27 14.44 31.74
C GLY D 51 -12.43 14.87 30.30
N ARG D 52 -11.38 15.37 29.66
CA ARG D 52 -11.51 15.81 28.29
C ARG D 52 -10.39 15.25 27.42
N MET D 53 -9.22 14.99 28.00
CA MET D 53 -8.07 14.46 27.28
C MET D 53 -7.59 13.17 27.93
N GLU D 54 -7.38 12.13 27.13
CA GLU D 54 -6.83 10.89 27.65
C GLU D 54 -5.61 10.47 26.85
N GLU D 55 -4.90 9.48 27.40
CA GLU D 55 -3.53 9.15 26.99
C GLU D 55 -3.28 7.69 27.37
N SER D 56 -3.39 6.78 26.41
CA SER D 56 -3.39 5.34 26.70
C SER D 56 -2.31 4.60 25.93
N GLN D 57 -2.04 3.35 26.33
CA GLN D 57 -0.82 2.68 25.87
C GLN D 57 -0.95 1.16 25.86
N ASN D 58 -0.81 0.55 24.68
CA ASN D 58 -0.66 -0.88 24.44
C ASN D 58 0.73 -1.39 24.75
N GLU D 59 1.05 -2.53 24.18
CA GLU D 59 2.42 -2.99 24.06
C GLU D 59 3.11 -2.47 22.80
N SER D 60 2.38 -1.95 21.82
CA SER D 60 3.03 -1.55 20.59
C SER D 60 2.46 -0.28 19.97
N LEU D 61 1.83 0.60 20.78
CA LEU D 61 1.09 1.74 20.27
C LEU D 61 0.70 2.72 21.38
N ALA D 62 1.01 4.01 21.28
CA ALA D 62 0.52 4.99 22.23
C ALA D 62 -0.43 5.96 21.56
N THR D 63 -1.43 6.42 22.32
CA THR D 63 -2.63 7.09 21.81
C THR D 63 -2.96 8.33 22.62
N LEU D 64 -3.41 9.40 21.97
CA LEU D 64 -3.98 10.58 22.62
C LEU D 64 -5.37 10.88 22.06
N THR D 65 -6.33 11.06 22.96
CA THR D 65 -7.73 11.31 22.60
C THR D 65 -8.15 12.66 23.13
N ILE D 66 -8.72 13.50 22.28
CA ILE D 66 -9.24 14.82 22.67
C ILE D 66 -10.69 14.91 22.26
N GLN D 67 -11.57 15.15 23.23
CA GLN D 67 -13.01 15.15 23.01
C GLN D 67 -13.55 16.57 23.11
N GLY D 68 -14.48 16.89 22.22
CA GLY D 68 -15.12 18.18 22.22
C GLY D 68 -14.17 19.30 21.89
N ILE D 69 -13.68 19.34 20.69
CA ILE D 69 -12.58 20.24 20.37
C ILE D 69 -13.12 21.64 20.12
N ARG D 70 -12.30 22.67 20.38
CA ARG D 70 -12.69 24.05 20.11
C ARG D 70 -11.44 24.83 19.72
N PHE D 71 -11.60 26.15 19.50
CA PHE D 71 -10.62 26.99 18.84
C PHE D 71 -9.25 27.05 19.52
N GLU D 72 -9.20 26.93 20.83
CA GLU D 72 -7.91 26.97 21.51
C GLU D 72 -7.25 25.61 21.62
N ASP D 73 -7.55 24.68 20.70
CA ASP D 73 -6.82 23.43 20.56
C ASP D 73 -5.94 23.39 19.33
N ASN D 74 -5.89 24.44 18.53
CA ASN D 74 -5.12 24.43 17.29
C ASN D 74 -3.63 24.41 17.60
N GLY D 75 -2.90 23.53 16.92
CA GLY D 75 -1.47 23.42 17.17
C GLY D 75 -0.88 22.19 16.51
N ILE D 76 0.37 21.88 16.91
CA ILE D 76 1.14 20.74 16.38
C ILE D 76 1.66 19.92 17.54
N TYR D 77 1.41 18.60 17.52
CA TYR D 77 1.57 17.75 18.70
C TYR D 77 2.59 16.67 18.40
N PHE D 78 3.43 16.33 19.38
CA PHE D 78 4.54 15.40 19.19
C PHE D 78 4.53 14.31 20.26
N CYS D 79 4.93 13.09 19.89
CA CYS D 79 5.27 12.06 20.86
C CYS D 79 6.78 11.92 20.92
N GLN D 80 7.26 11.55 22.09
CA GLN D 80 8.68 11.54 22.36
C GLN D 80 9.01 10.36 23.24
N GLN D 81 10.00 9.56 22.86
CA GLN D 81 10.41 8.41 23.65
C GLN D 81 11.87 8.56 24.03
N LYS D 82 12.16 8.44 25.30
CA LYS D 82 13.52 8.51 25.83
C LYS D 82 14.01 7.11 26.15
N CYS D 83 15.12 6.71 25.52
CA CYS D 83 15.58 5.33 25.65
C CYS D 83 16.14 5.04 27.03
N ASN D 84 16.02 3.77 27.45
CA ASN D 84 16.64 3.29 28.68
C ASN D 84 18.13 2.98 28.54
N ASN D 85 18.68 2.99 27.34
CA ASN D 85 20.05 2.54 27.13
C ASN D 85 21.01 3.69 26.82
N THR D 86 20.74 4.50 25.81
CA THR D 86 21.68 5.51 25.38
C THR D 86 21.32 6.92 25.81
N SER D 87 20.13 7.11 26.40
CA SER D 87 19.57 8.41 26.79
C SER D 87 19.45 9.37 25.60
N GLU D 88 19.21 8.84 24.42
CA GLU D 88 19.03 9.64 23.21
C GLU D 88 17.53 9.84 23.02
N VAL D 89 17.08 11.07 23.15
CA VAL D 89 15.66 11.38 22.96
C VAL D 89 15.31 11.24 21.48
N TYR D 90 14.31 10.42 21.17
CA TYR D 90 13.80 10.38 19.81
C TYR D 90 12.41 10.99 19.79
N GLN D 91 12.12 11.67 18.69
CA GLN D 91 10.89 12.44 18.56
C GLN D 91 10.23 12.06 17.25
N GLY D 92 8.91 12.13 17.21
CA GLY D 92 8.15 11.87 16.01
C GLY D 92 8.10 13.07 15.09
N CYS D 93 7.40 12.92 13.98
CA CYS D 93 7.31 14.01 13.01
C CYS D 93 6.38 15.13 13.50
N GLY D 94 5.11 14.84 13.76
CA GLY D 94 4.24 15.86 14.33
C GLY D 94 2.91 15.93 13.64
N THR D 95 1.82 15.88 14.40
CA THR D 95 0.48 15.90 13.85
C THR D 95 -0.08 17.30 14.02
N GLU D 96 -0.84 17.79 13.06
CA GLU D 96 -1.37 19.14 13.12
C GLU D 96 -2.88 19.14 13.14
N LEU D 97 -3.48 19.90 14.04
CA LEU D 97 -4.93 19.99 14.12
C LEU D 97 -5.41 21.37 13.67
N ARG D 98 -6.54 21.41 12.97
CA ARG D 98 -7.20 22.68 12.68
C ARG D 98 -8.71 22.54 12.82
N VAL D 99 -9.31 23.35 13.68
CA VAL D 99 -10.72 23.27 14.01
C VAL D 99 -11.50 24.10 13.02
N MET D 100 -12.55 23.53 12.45
CA MET D 100 -13.39 24.12 11.42
C MET D 100 -14.76 24.49 11.98
N GLY D 101 -15.59 25.10 11.15
CA GLY D 101 -16.94 25.48 11.51
C GLY D 101 -17.94 24.79 10.61
N PHE D 102 -19.18 25.25 10.68
CA PHE D 102 -20.26 24.59 9.94
C PHE D 102 -20.73 25.34 8.70
N SER D 103 -20.65 26.66 8.69
CA SER D 103 -21.20 27.41 7.58
C SER D 103 -20.23 27.37 6.40
N THR D 104 -20.65 27.95 5.30
CA THR D 104 -19.84 28.03 4.10
C THR D 104 -19.31 29.45 3.95
N LEU D 105 -18.53 29.68 2.89
CA LEU D 105 -17.87 30.98 2.73
C LEU D 105 -18.80 32.07 2.24
N ALA D 106 -20.00 31.74 1.79
CA ALA D 106 -20.95 32.74 1.37
C ALA D 106 -21.88 33.18 2.48
N GLN D 107 -21.95 32.44 3.57
CA GLN D 107 -22.81 32.78 4.69
C GLN D 107 -22.08 33.51 5.79
N LEU D 108 -20.78 33.68 5.67
CA LEU D 108 -20.00 34.37 6.67
C LEU D 108 -20.04 35.87 6.45
N LYS D 109 -20.03 36.26 5.18
CA LYS D 109 -20.19 37.65 4.78
C LYS D 109 -21.54 38.20 5.22
N GLN D 110 -22.56 37.34 5.21
CA GLN D 110 -23.92 37.71 5.63
C GLN D 110 -23.94 38.21 7.06
N ARG D 111 -23.45 37.40 8.00
CA ARG D 111 -23.50 37.82 9.38
C ARG D 111 -22.47 38.89 9.70
N ASN D 112 -21.40 39.03 8.90
CA ASN D 112 -20.51 40.17 9.12
C ASN D 112 -21.20 41.49 8.79
N THR D 113 -21.91 41.55 7.65
CA THR D 113 -22.60 42.80 7.34
C THR D 113 -23.80 43.03 8.24
N LEU D 114 -24.38 41.96 8.77
CA LEU D 114 -25.45 42.10 9.76
C LEU D 114 -24.94 42.75 11.04
N LYS D 115 -23.81 42.26 11.56
CA LYS D 115 -23.31 42.78 12.83
C LYS D 115 -22.80 44.21 12.68
N ASP D 116 -22.21 44.53 11.54
CA ASP D 116 -21.78 45.91 11.32
C ASP D 116 -22.97 46.85 11.17
N GLY D 117 -24.03 46.41 10.49
CA GLY D 117 -25.21 47.24 10.37
C GLY D 117 -25.91 47.51 11.70
N ILE D 118 -25.98 46.48 12.56
CA ILE D 118 -26.58 46.66 13.89
C ILE D 118 -25.79 47.65 14.72
N ILE D 119 -24.45 47.53 14.71
CA ILE D 119 -23.65 48.38 15.59
C ILE D 119 -23.63 49.83 15.10
N MET D 120 -23.71 50.06 13.78
CA MET D 120 -23.76 51.45 13.31
C MET D 120 -25.11 52.09 13.56
N ILE D 121 -26.20 51.36 13.25
CA ILE D 121 -27.57 51.86 13.46
C ILE D 121 -27.80 52.25 14.91
N GLN D 122 -27.30 51.46 15.86
CA GLN D 122 -27.49 51.94 17.22
C GLN D 122 -26.31 52.75 17.75
N THR D 123 -25.32 53.11 16.91
CA THR D 123 -24.52 54.27 17.29
C THR D 123 -25.19 55.58 16.94
N LEU D 124 -26.00 55.62 15.88
CA LEU D 124 -26.54 56.91 15.43
C LEU D 124 -27.60 57.46 16.38
N LEU D 125 -28.44 56.60 16.95
CA LEU D 125 -29.51 57.06 17.83
C LEU D 125 -28.98 57.65 19.13
N ILE D 126 -27.87 57.12 19.65
CA ILE D 126 -27.30 57.63 20.90
C ILE D 126 -26.73 59.02 20.69
N ILE D 127 -26.16 59.28 19.52
CA ILE D 127 -25.74 60.63 19.15
C ILE D 127 -26.96 61.55 19.07
N LEU D 128 -28.01 61.08 18.41
CA LEU D 128 -29.15 61.96 18.12
C LEU D 128 -29.95 62.29 19.37
N PHE D 129 -29.97 61.39 20.36
CA PHE D 129 -30.70 61.65 21.61
C PHE D 129 -29.91 62.55 22.55
N ILE D 130 -28.69 62.94 22.18
CA ILE D 130 -27.96 63.89 23.02
C ILE D 130 -27.67 65.16 22.23
N ILE D 131 -27.91 65.13 20.92
CA ILE D 131 -27.85 66.37 20.14
C ILE D 131 -29.23 67.05 20.14
N VAL D 132 -30.30 66.28 19.94
CA VAL D 132 -31.62 66.89 19.73
C VAL D 132 -32.23 67.54 20.98
N PRO D 133 -32.31 66.89 22.16
CA PRO D 133 -33.01 67.56 23.27
C PRO D 133 -32.27 68.74 23.87
N ILE D 134 -30.93 68.77 23.80
CA ILE D 134 -30.20 69.93 24.29
C ILE D 134 -30.33 71.10 23.31
N PHE D 135 -30.42 70.79 22.01
CA PHE D 135 -30.69 71.81 21.00
C PHE D 135 -32.07 72.44 21.18
N LEU D 136 -33.01 71.69 21.76
CA LEU D 136 -34.32 72.23 22.05
C LEU D 136 -34.28 73.21 23.22
N LEU D 137 -33.38 72.97 24.18
CA LEU D 137 -33.37 73.77 25.40
C LEU D 137 -32.62 75.08 25.22
N LEU D 138 -31.62 75.10 24.32
CA LEU D 138 -30.77 76.28 24.18
C LEU D 138 -31.48 77.39 23.41
N ASP D 139 -32.57 77.05 22.71
CA ASP D 139 -33.44 77.97 21.96
C ASP D 139 -32.71 78.81 20.91
#